data_6YRN
#
_entry.id   6YRN
#
_cell.length_a   86.510
_cell.length_b   39.532
_cell.length_c   158.871
_cell.angle_alpha   90.00
_cell.angle_beta   101.34
_cell.angle_gamma   90.00
#
_symmetry.space_group_name_H-M   'P 1 21 1'
#
loop_
_entity.id
_entity.type
_entity.pdbx_description
1 polymer 'Centriole protein'
2 non-polymer 'TETRAETHYLENE GLYCOL'
3 water water
#
_entity_poly.entity_id   1
_entity_poly.type   'polypeptide(L)'
_entity_poly.pdbx_seq_one_letter_code
;GPKLREVKYELDTKVSELSHKLGSSEGSNRSLEEETARLRSLNQQLSSSKHELEIQLNEAKAKVLALDEKAQSQGDVIEQ
QRGRLRDMEAALRQTEQRCADLRDTLASAEGRAKEA
;
_entity_poly.pdbx_strand_id   A,B,C,D,E,F,G,H
#
# COMPACT_ATOMS: atom_id res chain seq x y z
N GLU A 10 8.12 52.63 -28.51
CA GLU A 10 6.76 52.57 -27.99
C GLU A 10 6.11 51.17 -28.17
N LEU A 11 5.66 50.82 -29.41
CA LEU A 11 5.05 49.52 -29.76
C LEU A 11 6.15 48.46 -29.92
N ASP A 12 7.34 48.87 -30.43
CA ASP A 12 8.51 48.01 -30.60
C ASP A 12 9.06 47.56 -29.22
N THR A 13 8.99 48.44 -28.17
CA THR A 13 9.41 48.12 -26.77
C THR A 13 8.43 47.11 -26.13
N LYS A 14 7.12 47.22 -26.49
CA LYS A 14 6.06 46.31 -26.04
C LYS A 14 6.33 44.93 -26.65
N VAL A 15 6.70 44.89 -27.96
CA VAL A 15 7.05 43.67 -28.69
C VAL A 15 8.25 43.02 -28.02
N SER A 16 9.29 43.80 -27.69
CA SER A 16 10.48 43.28 -27.02
C SER A 16 10.10 42.73 -25.64
N GLU A 17 9.32 43.51 -24.87
CA GLU A 17 8.82 43.13 -23.54
C GLU A 17 8.05 41.78 -23.57
N LEU A 18 7.13 41.61 -24.53
CA LEU A 18 6.34 40.40 -24.72
C LEU A 18 7.17 39.20 -25.09
N SER A 19 8.11 39.33 -26.04
CA SER A 19 8.98 38.23 -26.53
C SER A 19 9.84 37.65 -25.38
N HIS A 20 10.43 38.55 -24.57
CA HIS A 20 11.22 38.22 -23.39
C HIS A 20 10.35 37.46 -22.35
N LYS A 21 9.13 37.98 -22.08
CA LYS A 21 8.15 37.40 -21.16
C LYS A 21 7.68 36.04 -21.66
N LEU A 22 7.57 35.89 -22.99
CA LEU A 22 7.15 34.64 -23.62
C LEU A 22 8.22 33.56 -23.45
N GLY A 23 9.47 33.89 -23.72
CA GLY A 23 10.61 33.00 -23.56
C GLY A 23 10.74 32.49 -22.14
N SER A 24 10.56 33.39 -21.13
CA SER A 24 10.60 33.07 -19.69
C SER A 24 9.48 32.10 -19.32
N SER A 25 8.27 32.35 -19.83
CA SER A 25 7.08 31.52 -19.62
C SER A 25 7.31 30.12 -20.20
N GLU A 26 7.84 30.05 -21.44
CA GLU A 26 8.18 28.80 -22.13
C GLU A 26 9.19 27.97 -21.34
N GLY A 27 10.29 28.61 -20.91
CA GLY A 27 11.37 28.04 -20.11
C GLY A 27 10.87 27.45 -18.81
N SER A 28 9.94 28.17 -18.15
CA SER A 28 9.30 27.74 -16.90
C SER A 28 8.44 26.50 -17.16
N ASN A 29 7.71 26.51 -18.30
CA ASN A 29 6.85 25.41 -18.74
C ASN A 29 7.62 24.10 -18.97
N ARG A 30 8.78 24.16 -19.66
CA ARG A 30 9.68 23.01 -19.90
C ARG A 30 10.24 22.48 -18.56
N SER A 31 10.39 23.38 -17.55
CA SER A 31 10.89 23.04 -16.23
C SER A 31 9.84 22.26 -15.47
N LEU A 32 8.56 22.65 -15.65
CA LEU A 32 7.42 21.97 -15.02
C LEU A 32 7.23 20.62 -15.67
N GLU A 33 7.30 20.54 -17.02
CA GLU A 33 7.18 19.27 -17.75
C GLU A 33 8.23 18.25 -17.24
N GLU A 34 9.45 18.74 -17.00
CA GLU A 34 10.64 18.04 -16.48
C GLU A 34 10.36 17.54 -15.05
N GLU A 35 9.73 18.41 -14.23
CA GLU A 35 9.39 18.17 -12.84
C GLU A 35 8.30 17.10 -12.75
N THR A 36 7.13 17.30 -13.44
CA THR A 36 5.99 16.36 -13.43
C THR A 36 6.46 14.93 -13.63
N ALA A 37 7.32 14.71 -14.64
CA ALA A 37 7.92 13.43 -15.03
C ALA A 37 8.71 12.75 -13.87
N ARG A 38 9.59 13.52 -13.17
CA ARG A 38 10.34 13.02 -12.01
C ARG A 38 9.40 12.73 -10.87
N LEU A 39 8.37 13.58 -10.67
CA LEU A 39 7.39 13.35 -9.60
C LEU A 39 6.58 12.07 -9.84
N ARG A 40 6.17 11.81 -11.11
CA ARG A 40 5.43 10.60 -11.49
C ARG A 40 6.25 9.35 -11.19
N SER A 41 7.57 9.41 -11.42
CA SER A 41 8.56 8.35 -11.17
C SER A 41 8.75 8.10 -9.68
N LEU A 42 8.95 9.18 -8.88
CA LEU A 42 9.14 9.07 -7.43
C LEU A 42 7.92 8.49 -6.78
N ASN A 43 6.74 8.89 -7.27
CA ASN A 43 5.43 8.42 -6.83
C ASN A 43 5.28 6.94 -7.03
N GLN A 44 5.64 6.45 -8.23
CA GLN A 44 5.60 5.03 -8.56
C GLN A 44 6.50 4.22 -7.61
N GLN A 45 7.74 4.71 -7.35
CA GLN A 45 8.73 4.10 -6.44
C GLN A 45 8.19 4.06 -5.00
N LEU A 46 7.62 5.20 -4.51
CA LEU A 46 7.06 5.30 -3.15
C LEU A 46 5.86 4.39 -3.00
N SER A 47 4.99 4.38 -4.03
CA SER A 47 3.79 3.54 -4.06
C SER A 47 4.16 2.05 -3.98
N SER A 48 5.25 1.66 -4.65
CA SER A 48 5.75 0.28 -4.63
C SER A 48 6.34 -0.12 -3.26
N SER A 49 7.11 0.78 -2.63
CA SER A 49 7.69 0.55 -1.30
C SER A 49 6.57 0.36 -0.26
N LYS A 50 5.54 1.23 -0.34
CA LYS A 50 4.36 1.24 0.51
C LYS A 50 3.65 -0.14 0.40
N HIS A 51 3.32 -0.59 -0.84
CA HIS A 51 2.69 -1.89 -1.13
C HIS A 51 3.49 -3.04 -0.54
N GLU A 52 4.83 -2.99 -0.68
CA GLU A 52 5.74 -4.00 -0.13
C GLU A 52 5.71 -4.04 1.40
N LEU A 53 5.79 -2.87 2.04
CA LEU A 53 5.75 -2.76 3.50
C LEU A 53 4.43 -3.22 4.08
N GLU A 54 3.30 -2.99 3.36
CA GLU A 54 1.96 -3.40 3.75
C GLU A 54 1.88 -4.92 3.84
N ILE A 55 2.38 -5.62 2.80
CA ILE A 55 2.45 -7.08 2.70
C ILE A 55 3.24 -7.64 3.89
N GLN A 56 4.46 -7.10 4.10
CA GLN A 56 5.37 -7.52 5.16
C GLN A 56 4.78 -7.29 6.53
N LEU A 57 4.09 -6.14 6.75
CA LEU A 57 3.47 -5.84 8.03
C LEU A 57 2.37 -6.81 8.35
N ASN A 58 1.50 -7.07 7.38
CA ASN A 58 0.39 -8.00 7.55
C ASN A 58 0.88 -9.40 7.94
N GLU A 59 1.98 -9.85 7.33
CA GLU A 59 2.61 -11.14 7.58
C GLU A 59 3.19 -11.18 8.98
N ALA A 60 3.91 -10.09 9.37
CA ALA A 60 4.56 -9.98 10.67
C ALA A 60 3.51 -9.96 11.76
N LYS A 61 2.38 -9.20 11.57
CA LYS A 61 1.29 -9.12 12.56
C LYS A 61 0.64 -10.49 12.77
N ALA A 62 0.48 -11.26 11.68
CA ALA A 62 -0.06 -12.62 11.68
C ALA A 62 0.85 -13.56 12.52
N LYS A 63 2.18 -13.49 12.27
CA LYS A 63 3.20 -14.28 12.94
C LYS A 63 3.24 -13.95 14.42
N VAL A 64 3.03 -12.67 14.80
CA VAL A 64 2.97 -12.24 16.21
C VAL A 64 1.83 -13.01 16.90
N LEU A 65 0.61 -13.00 16.33
CA LEU A 65 -0.54 -13.72 16.89
C LEU A 65 -0.28 -15.21 17.09
N ALA A 66 0.32 -15.86 16.11
CA ALA A 66 0.64 -17.30 16.16
C ALA A 66 1.69 -17.58 17.25
N LEU A 67 2.72 -16.73 17.38
CA LEU A 67 3.75 -16.85 18.39
C LEU A 67 3.25 -16.55 19.79
N ASP A 68 2.35 -15.55 19.93
CA ASP A 68 1.73 -15.21 21.20
C ASP A 68 0.94 -16.42 21.70
N GLU A 69 0.15 -17.04 20.79
CA GLU A 69 -0.67 -18.22 21.05
C GLU A 69 0.20 -19.39 21.52
N LYS A 70 1.32 -19.65 20.81
CA LYS A 70 2.27 -20.72 21.13
C LYS A 70 2.94 -20.48 22.47
N ALA A 71 3.45 -19.26 22.71
CA ALA A 71 4.09 -18.88 23.96
C ALA A 71 3.17 -19.03 25.17
N GLN A 72 1.86 -18.69 25.00
CA GLN A 72 0.88 -18.81 26.08
C GLN A 72 0.59 -20.29 26.42
N SER A 73 0.49 -21.14 25.38
CA SER A 73 0.22 -22.56 25.53
C SER A 73 1.41 -23.27 26.16
N GLN A 74 2.65 -22.87 25.76
CA GLN A 74 3.87 -23.44 26.30
C GLN A 74 4.00 -23.10 27.79
N GLY A 75 3.62 -21.88 28.16
CA GLY A 75 3.64 -21.42 29.55
C GLY A 75 2.71 -22.24 30.45
N ASP A 76 1.56 -22.66 29.89
CA ASP A 76 0.56 -23.49 30.57
C ASP A 76 1.12 -24.88 30.84
N VAL A 77 1.77 -25.49 29.81
CA VAL A 77 2.42 -26.80 29.85
C VAL A 77 3.48 -26.80 30.94
N ILE A 78 4.39 -25.80 30.92
CA ILE A 78 5.48 -25.66 31.88
C ILE A 78 4.94 -25.70 33.31
N GLU A 79 3.89 -24.91 33.59
CA GLU A 79 3.29 -24.84 34.91
C GLU A 79 2.55 -26.13 35.30
N GLN A 80 1.92 -26.81 34.32
CA GLN A 80 1.24 -28.08 34.55
C GLN A 80 2.29 -29.16 34.90
N GLN A 81 3.45 -29.14 34.21
CA GLN A 81 4.58 -30.06 34.44
C GLN A 81 5.23 -29.83 35.78
N ARG A 82 5.35 -28.54 36.18
CA ARG A 82 5.92 -28.16 37.48
C ARG A 82 5.05 -28.67 38.60
N GLY A 83 3.74 -28.55 38.43
CA GLY A 83 2.74 -29.01 39.38
C GLY A 83 2.75 -30.51 39.54
N ARG A 84 2.96 -31.23 38.41
CA ARG A 84 3.07 -32.68 38.35
C ARG A 84 4.39 -33.12 38.97
N LEU A 85 5.49 -32.39 38.75
CA LEU A 85 6.81 -32.70 39.36
C LEU A 85 6.74 -32.64 40.89
N ARG A 86 6.10 -31.61 41.45
CA ARG A 86 6.00 -31.46 42.89
C ARG A 86 5.13 -32.59 43.51
N ASP A 87 4.05 -33.00 42.80
CA ASP A 87 3.18 -34.10 43.24
C ASP A 87 3.91 -35.44 43.19
N MET A 88 4.85 -35.62 42.23
CA MET A 88 5.68 -36.82 42.10
C MET A 88 6.75 -36.86 43.18
N GLU A 89 7.37 -35.68 43.50
CA GLU A 89 8.33 -35.53 44.56
C GLU A 89 7.70 -35.96 45.89
N ALA A 90 6.45 -35.50 46.13
CA ALA A 90 5.63 -35.80 47.29
C ALA A 90 5.39 -37.31 47.39
N ALA A 91 4.88 -37.94 46.29
CA ALA A 91 4.58 -39.36 46.21
C ALA A 91 5.84 -40.19 46.51
N LEU A 92 7.00 -39.79 45.96
CA LEU A 92 8.28 -40.45 46.16
C LEU A 92 8.74 -40.39 47.62
N ARG A 93 8.67 -39.20 48.23
CA ARG A 93 8.99 -38.93 49.64
C ARG A 93 8.19 -39.82 50.58
N GLN A 94 6.87 -39.96 50.29
CA GLN A 94 5.91 -40.78 51.07
C GLN A 94 6.17 -42.28 50.88
N THR A 95 6.42 -42.72 49.62
CA THR A 95 6.67 -44.13 49.31
C THR A 95 7.98 -44.57 49.96
N GLU A 96 9.06 -43.79 49.83
CA GLU A 96 10.37 -44.04 50.48
C GLU A 96 10.20 -44.11 52.02
N GLN A 97 9.27 -43.31 52.60
CA GLN A 97 8.98 -43.33 54.03
C GLN A 97 8.30 -44.66 54.44
N ARG A 98 7.41 -45.20 53.58
CA ARG A 98 6.76 -46.50 53.80
C ARG A 98 7.77 -47.62 53.75
N CYS A 99 8.75 -47.51 52.83
CA CYS A 99 9.87 -48.43 52.64
C CYS A 99 10.71 -48.53 53.89
N ALA A 100 11.14 -47.35 54.38
CA ALA A 100 11.95 -47.16 55.57
C ALA A 100 11.29 -47.78 56.79
N ASP A 101 9.95 -47.65 56.90
CA ASP A 101 9.17 -48.21 58.00
C ASP A 101 9.08 -49.74 57.91
N LEU A 102 8.95 -50.29 56.68
CA LEU A 102 8.93 -51.73 56.46
C LEU A 102 10.33 -52.33 56.70
N ARG A 103 11.36 -51.57 56.34
CA ARG A 103 12.77 -51.94 56.51
C ARG A 103 13.12 -52.05 58.01
N ASP A 104 12.60 -51.13 58.84
CA ASP A 104 12.78 -51.12 60.29
C ASP A 104 12.08 -52.29 60.94
N THR A 105 10.83 -52.61 60.49
CA THR A 105 10.01 -53.71 61.00
C THR A 105 10.69 -55.04 60.70
N LEU A 106 11.27 -55.16 59.49
CA LEU A 106 11.95 -56.37 59.07
C LEU A 106 13.24 -56.57 59.87
N ALA A 107 14.06 -55.51 60.01
CA ALA A 107 15.30 -55.53 60.77
C ALA A 107 15.05 -55.91 62.24
N SER A 108 13.90 -55.46 62.80
CA SER A 108 13.45 -55.71 64.18
C SER A 108 13.11 -57.19 64.35
N ALA A 109 12.35 -57.77 63.39
CA ALA A 109 11.95 -59.19 63.40
C ALA A 109 13.17 -60.10 63.28
N GLU A 110 14.17 -59.70 62.44
CA GLU A 110 15.43 -60.42 62.24
C GLU A 110 16.21 -60.52 63.56
N GLY A 111 16.28 -59.40 64.29
CA GLY A 111 16.95 -59.30 65.59
C GLY A 111 16.29 -60.15 66.66
N ARG A 112 14.93 -60.17 66.66
CA ARG A 112 14.09 -60.96 67.57
C ARG A 112 14.31 -62.46 67.29
N ALA A 113 14.30 -62.87 66.01
CA ALA A 113 14.52 -64.26 65.60
C ALA A 113 15.91 -64.77 66.05
N LYS A 114 16.95 -63.91 65.88
CA LYS A 114 18.36 -64.18 66.23
C LYS A 114 18.54 -64.53 67.70
N GLU A 115 17.95 -63.72 68.61
CA GLU A 115 18.06 -63.95 70.05
C GLU A 115 17.30 -65.24 70.48
N ALA A 116 16.19 -65.59 69.80
CA ALA A 116 15.43 -66.83 70.07
C ALA A 116 16.14 -68.10 69.53
N VAL B 7 -19.19 -34.24 44.24
CA VAL B 7 -17.84 -33.69 44.05
C VAL B 7 -17.27 -34.10 42.68
N LYS B 8 -17.09 -35.41 42.45
CA LYS B 8 -16.56 -35.99 41.20
C LYS B 8 -17.50 -35.73 40.02
N TYR B 9 -18.82 -35.88 40.24
CA TYR B 9 -19.87 -35.67 39.25
C TYR B 9 -19.83 -34.24 38.70
N GLU B 10 -19.61 -33.24 39.59
CA GLU B 10 -19.49 -31.81 39.27
C GLU B 10 -18.26 -31.55 38.41
N LEU B 11 -17.13 -32.26 38.67
CA LEU B 11 -15.90 -32.10 37.89
C LEU B 11 -15.99 -32.80 36.54
N ASP B 12 -16.64 -33.98 36.50
CA ASP B 12 -16.86 -34.72 35.25
C ASP B 12 -17.66 -33.84 34.23
N THR B 13 -18.66 -33.08 34.73
CA THR B 13 -19.49 -32.16 33.95
C THR B 13 -18.69 -30.91 33.53
N LYS B 14 -17.69 -30.50 34.34
CA LYS B 14 -16.81 -29.38 34.04
C LYS B 14 -15.88 -29.79 32.90
N VAL B 15 -15.24 -30.98 32.98
CA VAL B 15 -14.39 -31.56 31.93
C VAL B 15 -15.12 -31.53 30.60
N SER B 16 -16.36 -32.08 30.58
CA SER B 16 -17.23 -32.11 29.41
C SER B 16 -17.52 -30.72 28.85
N GLU B 17 -17.94 -29.78 29.74
CA GLU B 17 -18.27 -28.38 29.41
C GLU B 17 -17.07 -27.65 28.79
N LEU B 18 -15.88 -27.77 29.41
CA LEU B 18 -14.65 -27.14 28.97
C LEU B 18 -14.15 -27.73 27.65
N SER B 19 -14.23 -29.07 27.49
CA SER B 19 -13.82 -29.75 26.25
C SER B 19 -14.64 -29.25 25.06
N HIS B 20 -15.99 -29.14 25.25
CA HIS B 20 -16.97 -28.65 24.28
C HIS B 20 -16.64 -27.20 23.90
N LYS B 21 -16.41 -26.33 24.91
CA LYS B 21 -16.10 -24.92 24.75
C LYS B 21 -14.75 -24.73 24.05
N LEU B 22 -13.80 -25.65 24.29
CA LEU B 22 -12.46 -25.62 23.67
C LEU B 22 -12.58 -25.91 22.16
N GLY B 23 -13.33 -26.96 21.83
CA GLY B 23 -13.58 -27.36 20.46
C GLY B 23 -14.22 -26.27 19.62
N SER B 24 -15.24 -25.59 20.21
CA SER B 24 -15.95 -24.46 19.59
C SER B 24 -15.01 -23.28 19.34
N SER B 25 -14.15 -22.97 20.33
CA SER B 25 -13.18 -21.89 20.29
C SER B 25 -12.13 -22.14 19.22
N GLU B 26 -11.51 -23.33 19.18
CA GLU B 26 -10.50 -23.69 18.17
C GLU B 26 -11.09 -23.66 16.74
N GLY B 27 -12.32 -24.19 16.59
CA GLY B 27 -13.04 -24.19 15.32
C GLY B 27 -13.26 -22.79 14.79
N SER B 28 -13.59 -21.85 15.70
CA SER B 28 -13.78 -20.43 15.40
C SER B 28 -12.45 -19.83 14.94
N ASN B 29 -11.33 -20.18 15.64
CA ASN B 29 -9.99 -19.70 15.34
C ASN B 29 -9.50 -20.16 13.98
N ARG B 30 -9.76 -21.45 13.64
CA ARG B 30 -9.37 -22.05 12.36
C ARG B 30 -10.01 -21.30 11.22
N SER B 31 -11.32 -21.03 11.37
CA SER B 31 -12.12 -20.25 10.46
C SER B 31 -11.53 -18.83 10.32
N LEU B 32 -11.18 -18.16 11.44
CA LEU B 32 -10.62 -16.79 11.46
C LEU B 32 -9.25 -16.72 10.79
N GLU B 33 -8.44 -17.77 10.96
CA GLU B 33 -7.13 -17.89 10.33
C GLU B 33 -7.25 -17.93 8.79
N GLU B 34 -8.34 -18.56 8.26
CA GLU B 34 -8.62 -18.65 6.83
C GLU B 34 -9.00 -17.29 6.29
N GLU B 35 -9.87 -16.57 7.05
CA GLU B 35 -10.35 -15.25 6.69
C GLU B 35 -9.22 -14.23 6.66
N THR B 36 -8.27 -14.30 7.66
CA THR B 36 -7.10 -13.40 7.71
C THR B 36 -6.23 -13.58 6.48
N ALA B 37 -6.02 -14.86 6.09
CA ALA B 37 -5.25 -15.24 4.89
C ALA B 37 -5.91 -14.71 3.62
N ARG B 38 -7.26 -14.89 3.47
CA ARG B 38 -8.08 -14.39 2.34
C ARG B 38 -8.00 -12.86 2.27
N LEU B 39 -8.17 -12.16 3.42
CA LEU B 39 -8.12 -10.70 3.48
C LEU B 39 -6.75 -10.15 3.17
N ARG B 40 -5.66 -10.79 3.67
CA ARG B 40 -4.28 -10.34 3.35
C ARG B 40 -4.02 -10.39 1.83
N SER B 41 -4.51 -11.47 1.18
CA SER B 41 -4.41 -11.70 -0.25
C SER B 41 -5.23 -10.67 -1.07
N LEU B 42 -6.50 -10.45 -0.70
CA LEU B 42 -7.40 -9.49 -1.37
C LEU B 42 -6.83 -8.10 -1.28
N ASN B 43 -6.24 -7.75 -0.12
CA ASN B 43 -5.57 -6.48 0.17
C ASN B 43 -4.40 -6.24 -0.77
N GLN B 44 -3.54 -7.27 -0.94
CA GLN B 44 -2.40 -7.21 -1.85
C GLN B 44 -2.90 -6.97 -3.32
N GLN B 45 -4.00 -7.66 -3.73
CA GLN B 45 -4.64 -7.51 -5.06
C GLN B 45 -5.19 -6.12 -5.25
N LEU B 46 -5.92 -5.59 -4.25
CA LEU B 46 -6.51 -4.24 -4.28
C LEU B 46 -5.42 -3.18 -4.34
N SER B 47 -4.39 -3.37 -3.52
CA SER B 47 -3.22 -2.49 -3.48
C SER B 47 -2.51 -2.43 -4.84
N SER B 48 -2.44 -3.57 -5.54
CA SER B 48 -1.83 -3.65 -6.88
C SER B 48 -2.69 -2.93 -7.94
N SER B 49 -4.03 -3.08 -7.89
CA SER B 49 -4.98 -2.42 -8.79
C SER B 49 -4.87 -0.91 -8.61
N LYS B 50 -4.79 -0.44 -7.34
CA LYS B 50 -4.67 0.96 -6.97
C LYS B 50 -3.40 1.54 -7.61
N HIS B 51 -2.22 0.89 -7.41
CA HIS B 51 -0.92 1.27 -7.99
C HIS B 51 -0.99 1.36 -9.52
N GLU B 52 -1.67 0.39 -10.14
CA GLU B 52 -1.86 0.36 -11.58
C GLU B 52 -2.71 1.53 -12.08
N LEU B 53 -3.83 1.81 -11.40
CA LEU B 53 -4.74 2.91 -11.74
C LEU B 53 -4.05 4.27 -11.57
N GLU B 54 -3.17 4.40 -10.55
CA GLU B 54 -2.38 5.61 -10.29
C GLU B 54 -1.42 5.90 -11.48
N ILE B 55 -0.72 4.86 -11.99
CA ILE B 55 0.18 4.94 -13.15
C ILE B 55 -0.61 5.43 -14.38
N GLN B 56 -1.75 4.77 -14.66
CA GLN B 56 -2.63 5.09 -15.78
C GLN B 56 -3.19 6.48 -15.69
N LEU B 57 -3.59 6.93 -14.49
CA LEU B 57 -4.13 8.27 -14.26
C LEU B 57 -3.08 9.32 -14.52
N ASN B 58 -1.87 9.10 -14.00
CA ASN B 58 -0.75 10.01 -14.20
C ASN B 58 -0.42 10.20 -15.69
N GLU B 59 -0.50 9.11 -16.47
CA GLU B 59 -0.27 9.11 -17.91
C GLU B 59 -1.37 9.88 -18.63
N ALA B 60 -2.64 9.64 -18.24
CA ALA B 60 -3.82 10.27 -18.84
C ALA B 60 -3.79 11.74 -18.54
N LYS B 61 -3.47 12.14 -17.29
CA LYS B 61 -3.37 13.54 -16.85
C LYS B 61 -2.30 14.29 -17.62
N ALA B 62 -1.15 13.61 -17.89
CA ALA B 62 -0.04 14.15 -18.68
C ALA B 62 -0.49 14.47 -20.11
N LYS B 63 -1.16 13.49 -20.74
CA LYS B 63 -1.68 13.62 -22.11
C LYS B 63 -2.73 14.76 -22.19
N VAL B 64 -3.57 14.92 -21.16
CA VAL B 64 -4.55 16.01 -21.08
C VAL B 64 -3.81 17.35 -21.15
N LEU B 65 -2.77 17.56 -20.33
CA LEU B 65 -2.00 18.81 -20.33
C LEU B 65 -1.42 19.15 -21.71
N ALA B 66 -0.84 18.15 -22.39
CA ALA B 66 -0.26 18.32 -23.72
C ALA B 66 -1.35 18.70 -24.77
N LEU B 67 -2.51 18.02 -24.72
CA LEU B 67 -3.64 18.28 -25.62
C LEU B 67 -4.30 19.61 -25.35
N ASP B 68 -4.42 20.00 -24.07
CA ASP B 68 -4.98 21.29 -23.65
C ASP B 68 -4.10 22.41 -24.25
N GLU B 69 -2.76 22.26 -24.12
CA GLU B 69 -1.76 23.19 -24.62
C GLU B 69 -1.89 23.38 -26.13
N LYS B 70 -1.99 22.25 -26.87
CA LYS B 70 -2.13 22.25 -28.33
C LYS B 70 -3.46 22.91 -28.76
N ALA B 71 -4.58 22.52 -28.11
CA ALA B 71 -5.90 23.04 -28.41
C ALA B 71 -6.00 24.54 -28.19
N GLN B 72 -5.34 25.04 -27.14
CA GLN B 72 -5.34 26.46 -26.81
C GLN B 72 -4.55 27.26 -27.86
N SER B 73 -3.38 26.75 -28.32
CA SER B 73 -2.53 27.38 -29.34
C SER B 73 -3.22 27.41 -30.69
N GLN B 74 -3.91 26.29 -31.05
CA GLN B 74 -4.65 26.17 -32.30
C GLN B 74 -5.81 27.16 -32.32
N GLY B 75 -6.47 27.34 -31.15
CA GLY B 75 -7.57 28.27 -30.95
C GLY B 75 -7.15 29.71 -31.17
N ASP B 76 -5.90 30.04 -30.80
CA ASP B 76 -5.31 31.36 -30.96
C ASP B 76 -5.09 31.66 -32.43
N VAL B 77 -4.54 30.67 -33.17
CA VAL B 77 -4.29 30.74 -34.62
C VAL B 77 -5.62 30.98 -35.36
N ILE B 78 -6.63 30.15 -35.07
CA ILE B 78 -7.97 30.26 -35.65
C ILE B 78 -8.52 31.69 -35.52
N GLU B 79 -8.46 32.23 -34.29
CA GLU B 79 -8.96 33.57 -33.98
C GLU B 79 -8.13 34.66 -34.65
N GLN B 80 -6.79 34.47 -34.76
CA GLN B 80 -5.91 35.41 -35.44
C GLN B 80 -6.27 35.44 -36.92
N GLN B 81 -6.54 34.25 -37.52
CA GLN B 81 -6.88 34.12 -38.93
C GLN B 81 -8.23 34.75 -39.23
N ARG B 82 -9.21 34.55 -38.32
CA ARG B 82 -10.54 35.14 -38.43
C ARG B 82 -10.46 36.67 -38.41
N GLY B 83 -9.65 37.20 -37.49
CA GLY B 83 -9.42 38.64 -37.35
C GLY B 83 -8.84 39.21 -38.63
N ARG B 84 -7.80 38.53 -39.18
CA ARG B 84 -7.10 38.87 -40.41
C ARG B 84 -8.07 38.84 -41.60
N LEU B 85 -8.92 37.80 -41.69
CA LEU B 85 -9.92 37.69 -42.76
C LEU B 85 -10.89 38.88 -42.77
N ARG B 86 -11.39 39.25 -41.56
CA ARG B 86 -12.28 40.40 -41.33
C ARG B 86 -11.67 41.72 -41.82
N ASP B 87 -10.39 41.95 -41.47
CA ASP B 87 -9.59 43.13 -41.88
C ASP B 87 -9.38 43.18 -43.39
N MET B 88 -9.24 41.99 -44.03
CA MET B 88 -9.05 41.85 -45.47
C MET B 88 -10.33 42.13 -46.21
N GLU B 89 -11.47 41.66 -45.68
CA GLU B 89 -12.82 41.93 -46.20
C GLU B 89 -13.05 43.46 -46.27
N ALA B 90 -12.68 44.16 -45.17
CA ALA B 90 -12.75 45.62 -45.02
C ALA B 90 -11.82 46.31 -46.04
N ALA B 91 -10.54 45.89 -46.14
CA ALA B 91 -9.58 46.43 -47.11
C ALA B 91 -10.07 46.28 -48.54
N LEU B 92 -10.69 45.12 -48.87
CA LEU B 92 -11.24 44.85 -50.20
C LEU B 92 -12.40 45.78 -50.54
N ARG B 93 -13.34 45.95 -49.60
CA ARG B 93 -14.49 46.83 -49.70
C ARG B 93 -14.06 48.27 -49.96
N GLN B 94 -12.98 48.73 -49.26
CA GLN B 94 -12.42 50.08 -49.37
C GLN B 94 -11.68 50.28 -50.69
N THR B 95 -10.86 49.29 -51.11
CA THR B 95 -10.09 49.35 -52.38
C THR B 95 -11.06 49.41 -53.57
N GLU B 96 -12.05 48.50 -53.62
CA GLU B 96 -13.10 48.48 -54.66
C GLU B 96 -13.86 49.83 -54.68
N GLN B 97 -14.09 50.45 -53.50
CA GLN B 97 -14.75 51.75 -53.35
C GLN B 97 -13.88 52.88 -53.92
N ARG B 98 -12.55 52.82 -53.74
CA ARG B 98 -11.61 53.80 -54.32
C ARG B 98 -11.63 53.71 -55.84
N CYS B 99 -11.73 52.47 -56.38
CA CYS B 99 -11.81 52.16 -57.80
C CYS B 99 -13.04 52.83 -58.39
N ALA B 100 -14.20 52.57 -57.77
CA ALA B 100 -15.51 53.10 -58.14
C ALA B 100 -15.52 54.63 -58.18
N ASP B 101 -14.84 55.26 -57.21
CA ASP B 101 -14.70 56.71 -57.09
C ASP B 101 -13.81 57.27 -58.21
N LEU B 102 -12.75 56.53 -58.60
CA LEU B 102 -11.85 56.95 -59.68
C LEU B 102 -12.59 56.90 -61.03
N ARG B 103 -13.41 55.84 -61.24
CA ARG B 103 -14.23 55.61 -62.45
C ARG B 103 -15.38 56.63 -62.61
N ASP B 104 -15.81 57.27 -61.50
CA ASP B 104 -16.83 58.33 -61.49
C ASP B 104 -16.17 59.69 -61.79
N THR B 105 -14.98 59.94 -61.21
CA THR B 105 -14.21 61.18 -61.40
C THR B 105 -13.76 61.34 -62.85
N LEU B 106 -13.40 60.24 -63.56
CA LEU B 106 -13.04 60.36 -64.99
C LEU B 106 -14.25 60.75 -65.88
N ALA B 107 -15.51 60.51 -65.39
CA ALA B 107 -16.81 60.84 -66.00
C ALA B 107 -16.84 60.87 -67.54
N GLU C 6 -7.73 -40.12 44.65
CA GLU C 6 -6.73 -40.70 43.75
C GLU C 6 -7.25 -40.64 42.32
N VAL C 7 -8.61 -40.70 42.21
CA VAL C 7 -9.42 -40.61 40.99
C VAL C 7 -9.68 -39.14 40.65
N LYS C 8 -9.91 -38.32 41.69
CA LYS C 8 -10.16 -36.89 41.65
C LYS C 8 -8.90 -36.16 41.25
N TYR C 9 -7.70 -36.72 41.49
CA TYR C 9 -6.46 -36.07 41.09
C TYR C 9 -6.33 -35.99 39.56
N GLU C 10 -6.61 -37.11 38.85
CA GLU C 10 -6.53 -37.24 37.39
C GLU C 10 -7.56 -36.33 36.72
N LEU C 11 -8.74 -36.26 37.33
CA LEU C 11 -9.86 -35.45 36.91
C LEU C 11 -9.60 -33.97 37.21
N ASP C 12 -9.00 -33.64 38.38
CA ASP C 12 -8.65 -32.28 38.78
C ASP C 12 -7.64 -31.64 37.83
N THR C 13 -6.60 -32.38 37.44
CA THR C 13 -5.57 -31.89 36.54
C THR C 13 -6.11 -31.83 35.10
N LYS C 14 -7.20 -32.57 34.79
CA LYS C 14 -7.82 -32.48 33.47
C LYS C 14 -8.57 -31.14 33.40
N VAL C 15 -9.44 -30.86 34.42
CA VAL C 15 -10.24 -29.63 34.61
C VAL C 15 -9.31 -28.41 34.48
N SER C 16 -8.21 -28.37 35.26
CA SER C 16 -7.24 -27.28 35.20
C SER C 16 -6.57 -27.18 33.83
N GLU C 17 -6.19 -28.31 33.20
CA GLU C 17 -5.56 -28.34 31.88
C GLU C 17 -6.47 -27.71 30.82
N LEU C 18 -7.75 -28.16 30.78
CA LEU C 18 -8.78 -27.71 29.86
C LEU C 18 -9.16 -26.26 30.10
N SER C 19 -9.17 -25.83 31.38
CA SER C 19 -9.50 -24.47 31.81
C SER C 19 -8.50 -23.48 31.22
N HIS C 20 -7.21 -23.82 31.28
CA HIS C 20 -6.14 -23.02 30.73
C HIS C 20 -6.13 -23.04 29.24
N LYS C 21 -6.41 -24.20 28.64
CA LYS C 21 -6.47 -24.33 27.17
C LYS C 21 -7.63 -23.51 26.61
N LEU C 22 -8.75 -23.44 27.35
CA LEU C 22 -9.91 -22.64 26.94
C LEU C 22 -9.60 -21.14 27.00
N GLY C 23 -9.00 -20.69 28.10
CA GLY C 23 -8.61 -19.30 28.28
C GLY C 23 -7.67 -18.81 27.20
N SER C 24 -6.67 -19.65 26.84
CA SER C 24 -5.69 -19.38 25.79
C SER C 24 -6.35 -19.27 24.42
N SER C 25 -7.29 -20.19 24.14
CA SER C 25 -8.07 -20.27 22.91
C SER C 25 -8.98 -19.04 22.78
N GLU C 26 -9.60 -18.61 23.90
CA GLU C 26 -10.46 -17.41 23.95
C GLU C 26 -9.66 -16.16 23.57
N GLY C 27 -8.46 -16.02 24.14
CA GLY C 27 -7.54 -14.91 23.90
C GLY C 27 -7.12 -14.85 22.45
N SER C 28 -6.86 -16.03 21.86
CA SER C 28 -6.48 -16.15 20.46
C SER C 28 -7.65 -15.70 19.55
N ASN C 29 -8.88 -16.15 19.86
CA ASN C 29 -10.10 -15.79 19.17
C ASN C 29 -10.33 -14.28 19.18
N ARG C 30 -10.05 -13.66 20.32
CA ARG C 30 -10.18 -12.23 20.61
C ARG C 30 -9.23 -11.40 19.75
N SER C 31 -7.97 -11.86 19.59
CA SER C 31 -6.89 -11.26 18.81
C SER C 31 -7.15 -11.40 17.32
N LEU C 32 -7.61 -12.61 16.90
CA LEU C 32 -7.93 -12.91 15.51
C LEU C 32 -9.11 -12.06 15.02
N GLU C 33 -10.12 -11.88 15.86
CA GLU C 33 -11.31 -11.05 15.53
C GLU C 33 -10.91 -9.57 15.33
N GLU C 34 -9.90 -9.09 16.07
CA GLU C 34 -9.37 -7.73 15.97
C GLU C 34 -8.60 -7.56 14.66
N GLU C 35 -7.78 -8.58 14.31
CA GLU C 35 -6.99 -8.61 13.10
C GLU C 35 -7.89 -8.65 11.85
N THR C 36 -8.98 -9.46 11.89
CA THR C 36 -9.96 -9.58 10.81
C THR C 36 -10.59 -8.21 10.57
N ALA C 37 -10.98 -7.53 11.65
CA ALA C 37 -11.58 -6.20 11.61
C ALA C 37 -10.59 -5.17 11.05
N ARG C 38 -9.28 -5.24 11.44
CA ARG C 38 -8.19 -4.38 10.98
C ARG C 38 -7.96 -4.54 9.47
N LEU C 39 -7.89 -5.80 9.01
CA LEU C 39 -7.72 -6.14 7.61
C LEU C 39 -8.97 -5.81 6.81
N ARG C 40 -10.16 -6.00 7.42
CA ARG C 40 -11.42 -5.67 6.75
C ARG C 40 -11.48 -4.18 6.45
N SER C 41 -11.07 -3.35 7.43
CA SER C 41 -11.04 -1.90 7.34
C SER C 41 -10.09 -1.45 6.23
N LEU C 42 -8.83 -1.99 6.17
CA LEU C 42 -7.84 -1.67 5.14
C LEU C 42 -8.38 -2.00 3.77
N ASN C 43 -9.08 -3.15 3.67
CA ASN C 43 -9.72 -3.64 2.45
C ASN C 43 -10.80 -2.64 1.98
N GLN C 44 -11.60 -2.12 2.93
CA GLN C 44 -12.65 -1.14 2.69
C GLN C 44 -12.08 0.16 2.17
N GLN C 45 -10.94 0.60 2.73
CA GLN C 45 -10.20 1.80 2.34
C GLN C 45 -9.58 1.60 0.94
N LEU C 46 -8.92 0.45 0.68
CA LEU C 46 -8.30 0.17 -0.61
C LEU C 46 -9.36 0.10 -1.70
N SER C 47 -10.48 -0.60 -1.42
CA SER C 47 -11.62 -0.74 -2.32
C SER C 47 -12.19 0.63 -2.71
N SER C 48 -12.26 1.57 -1.74
CA SER C 48 -12.76 2.93 -1.93
C SER C 48 -11.83 3.75 -2.82
N SER C 49 -10.49 3.68 -2.56
CA SER C 49 -9.44 4.37 -3.33
C SER C 49 -9.46 3.90 -4.77
N LYS C 50 -9.60 2.57 -4.98
CA LYS C 50 -9.66 1.94 -6.29
C LYS C 50 -10.82 2.52 -7.09
N HIS C 51 -12.05 2.47 -6.51
CA HIS C 51 -13.28 3.02 -7.10
C HIS C 51 -13.12 4.51 -7.47
N GLU C 52 -12.48 5.28 -6.58
CA GLU C 52 -12.21 6.70 -6.78
C GLU C 52 -11.26 6.94 -7.97
N LEU C 53 -10.16 6.18 -8.03
CA LEU C 53 -9.18 6.27 -9.11
C LEU C 53 -9.80 5.88 -10.47
N GLU C 54 -10.72 4.91 -10.47
CA GLU C 54 -11.44 4.45 -11.66
C GLU C 54 -12.29 5.60 -12.21
N ILE C 55 -13.04 6.32 -11.35
CA ILE C 55 -13.87 7.51 -11.70
C ILE C 55 -12.98 8.57 -12.34
N GLN C 56 -11.85 8.92 -11.67
CA GLN C 56 -10.89 9.92 -12.13
C GLN C 56 -10.25 9.55 -13.43
N LEU C 57 -9.88 8.27 -13.61
CA LEU C 57 -9.29 7.77 -14.85
C LEU C 57 -10.28 7.86 -16.00
N ASN C 58 -11.52 7.44 -15.76
CA ASN C 58 -12.57 7.49 -16.77
C ASN C 58 -12.79 8.93 -17.26
N GLU C 59 -12.75 9.92 -16.33
CA GLU C 59 -12.89 11.34 -16.62
C GLU C 59 -11.69 11.85 -17.42
N ALA C 60 -10.48 11.43 -17.05
CA ALA C 60 -9.25 11.83 -17.72
C ALA C 60 -9.20 11.26 -19.15
N LYS C 61 -9.56 9.96 -19.30
CA LYS C 61 -9.61 9.28 -20.59
C LYS C 61 -10.64 9.95 -21.51
N ALA C 62 -11.79 10.36 -20.94
CA ALA C 62 -12.87 11.08 -21.65
C ALA C 62 -12.36 12.39 -22.19
N LYS C 63 -11.66 13.17 -21.34
CA LYS C 63 -11.08 14.46 -21.69
C LYS C 63 -10.04 14.33 -22.79
N VAL C 64 -9.21 13.27 -22.76
CA VAL C 64 -8.22 12.99 -23.82
C VAL C 64 -8.95 12.84 -25.17
N LEU C 65 -9.95 11.94 -25.25
CA LEU C 65 -10.74 11.70 -26.48
C LEU C 65 -11.37 12.97 -27.03
N ALA C 66 -11.96 13.79 -26.17
CA ALA C 66 -12.60 15.05 -26.52
C ALA C 66 -11.59 16.05 -27.07
N LEU C 67 -10.40 16.16 -26.43
CA LEU C 67 -9.32 17.04 -26.85
C LEU C 67 -8.67 16.61 -28.15
N ASP C 68 -8.49 15.29 -28.33
CA ASP C 68 -7.93 14.71 -29.56
C ASP C 68 -8.85 15.09 -30.72
N GLU C 69 -10.16 14.90 -30.52
CA GLU C 69 -11.21 15.18 -31.49
C GLU C 69 -11.25 16.67 -31.89
N LYS C 70 -11.19 17.56 -30.88
CA LYS C 70 -11.15 19.01 -31.06
C LYS C 70 -9.87 19.42 -31.78
N ALA C 71 -8.69 18.90 -31.36
CA ALA C 71 -7.40 19.22 -31.99
C ALA C 71 -7.36 18.83 -33.46
N GLN C 72 -7.99 17.71 -33.84
CA GLN C 72 -8.04 17.26 -35.24
C GLN C 72 -8.91 18.19 -36.10
N SER C 73 -10.07 18.63 -35.54
CA SER C 73 -11.00 19.55 -36.19
C SER C 73 -10.41 20.94 -36.32
N GLN C 74 -9.67 21.41 -35.30
CA GLN C 74 -9.02 22.70 -35.30
C GLN C 74 -7.97 22.78 -36.40
N GLY C 75 -7.21 21.70 -36.59
CA GLY C 75 -6.20 21.60 -37.62
C GLY C 75 -6.76 21.67 -39.02
N ASP C 76 -8.00 21.18 -39.21
CA ASP C 76 -8.72 21.21 -40.49
C ASP C 76 -9.15 22.66 -40.82
N VAL C 77 -9.71 23.36 -39.80
CA VAL C 77 -10.20 24.75 -39.85
C VAL C 77 -9.04 25.67 -40.22
N ILE C 78 -7.89 25.54 -39.52
CA ILE C 78 -6.69 26.33 -39.77
C ILE C 78 -6.30 26.28 -41.25
N GLU C 79 -6.26 25.07 -41.82
CA GLU C 79 -5.91 24.86 -43.22
C GLU C 79 -7.00 25.43 -44.18
N GLN C 80 -8.30 25.39 -43.80
CA GLN C 80 -9.32 25.92 -44.68
C GLN C 80 -9.28 27.48 -44.65
N GLN C 81 -8.92 28.04 -43.47
CA GLN C 81 -8.77 29.48 -43.29
C GLN C 81 -7.55 30.01 -44.00
N ARG C 82 -6.49 29.19 -44.09
CA ARG C 82 -5.27 29.53 -44.83
C ARG C 82 -5.62 29.66 -46.32
N GLY C 83 -6.53 28.80 -46.80
CA GLY C 83 -7.06 28.82 -48.16
C GLY C 83 -7.92 30.04 -48.42
N ARG C 84 -8.74 30.43 -47.44
CA ARG C 84 -9.59 31.63 -47.52
C ARG C 84 -8.70 32.88 -47.55
N LEU C 85 -7.65 32.91 -46.70
CA LEU C 85 -6.70 34.02 -46.62
C LEU C 85 -6.01 34.23 -47.96
N ARG C 86 -5.55 33.16 -48.60
CA ARG C 86 -4.93 33.25 -49.92
C ARG C 86 -5.94 33.80 -50.97
N ASP C 87 -7.23 33.33 -50.95
CA ASP C 87 -8.28 33.81 -51.86
C ASP C 87 -8.54 35.32 -51.68
N MET C 88 -8.39 35.81 -50.43
CA MET C 88 -8.54 37.22 -50.09
C MET C 88 -7.34 38.03 -50.58
N GLU C 89 -6.12 37.48 -50.37
CA GLU C 89 -4.86 38.05 -50.84
C GLU C 89 -4.95 38.22 -52.35
N ALA C 90 -5.48 37.19 -53.06
CA ALA C 90 -5.68 37.19 -54.51
C ALA C 90 -6.61 38.31 -54.94
N ALA C 91 -7.82 38.37 -54.34
CA ALA C 91 -8.84 39.40 -54.60
C ALA C 91 -8.28 40.82 -54.41
N LEU C 92 -7.54 41.02 -53.31
CA LEU C 92 -6.91 42.29 -52.98
C LEU C 92 -5.85 42.71 -54.01
N ARG C 93 -4.96 41.77 -54.37
CA ARG C 93 -3.87 41.91 -55.36
C ARG C 93 -4.43 42.33 -56.69
N GLN C 94 -5.57 41.73 -57.10
CA GLN C 94 -6.25 42.01 -58.37
C GLN C 94 -6.92 43.36 -58.36
N THR C 95 -7.63 43.70 -57.25
CA THR C 95 -8.33 44.98 -57.11
C THR C 95 -7.31 46.13 -57.08
N GLU C 96 -6.23 46.01 -56.26
CA GLU C 96 -5.12 46.98 -56.20
C GLU C 96 -4.49 47.17 -57.59
N GLN C 97 -4.38 46.07 -58.39
CA GLN C 97 -3.86 46.11 -59.77
C GLN C 97 -4.79 46.92 -60.69
N ARG C 98 -6.13 46.79 -60.52
CA ARG C 98 -7.11 47.59 -61.27
C ARG C 98 -7.00 49.07 -60.91
N CYS C 99 -6.77 49.36 -59.61
CA CYS C 99 -6.55 50.71 -59.05
C CYS C 99 -5.35 51.35 -59.72
N ALA C 100 -4.21 50.63 -59.72
CA ALA C 100 -2.93 51.05 -60.29
C ALA C 100 -3.06 51.38 -61.77
N ASP C 101 -3.87 50.58 -62.51
CA ASP C 101 -4.15 50.78 -63.93
C ASP C 101 -5.03 52.03 -64.15
N LEU C 102 -6.00 52.28 -63.25
CA LEU C 102 -6.85 53.47 -63.32
C LEU C 102 -6.02 54.73 -63.01
N ARG C 103 -5.03 54.63 -62.07
CA ARG C 103 -4.13 55.73 -61.68
C ARG C 103 -3.26 56.15 -62.85
N ASP C 104 -2.77 55.16 -63.62
CA ASP C 104 -1.94 55.38 -64.80
C ASP C 104 -2.72 56.05 -65.94
N THR C 105 -3.99 55.60 -66.15
CA THR C 105 -4.91 56.16 -67.17
C THR C 105 -5.25 57.61 -66.79
N LEU C 106 -5.45 57.88 -65.49
CA LEU C 106 -5.78 59.21 -64.96
C LEU C 106 -4.56 60.12 -65.06
N ARG D 5 0.26 54.33 -42.12
CA ARG D 5 -0.09 53.50 -40.96
C ARG D 5 -0.21 51.96 -41.29
N GLU D 6 0.24 51.55 -42.51
CA GLU D 6 0.25 50.14 -42.98
C GLU D 6 1.22 49.32 -42.14
N VAL D 7 2.35 49.95 -41.72
CA VAL D 7 3.38 49.35 -40.87
C VAL D 7 2.81 49.16 -39.46
N LYS D 8 1.96 50.11 -38.99
CA LYS D 8 1.30 50.05 -37.67
C LYS D 8 0.42 48.83 -37.57
N TYR D 9 -0.23 48.41 -38.67
CA TYR D 9 -1.05 47.20 -38.69
C TYR D 9 -0.20 45.94 -38.48
N GLU D 10 0.97 45.89 -39.15
CA GLU D 10 1.95 44.80 -39.07
C GLU D 10 2.56 44.69 -37.67
N LEU D 11 2.82 45.84 -37.03
CA LEU D 11 3.35 45.94 -35.66
C LEU D 11 2.27 45.61 -34.64
N ASP D 12 1.04 46.09 -34.89
CA ASP D 12 -0.15 45.84 -34.05
C ASP D 12 -0.50 44.37 -34.00
N THR D 13 -0.35 43.66 -35.14
CA THR D 13 -0.61 42.22 -35.29
C THR D 13 0.39 41.44 -34.44
N LYS D 14 1.66 41.86 -34.47
CA LYS D 14 2.74 41.24 -33.69
C LYS D 14 2.43 41.30 -32.22
N VAL D 15 2.12 42.51 -31.69
CA VAL D 15 1.73 42.75 -30.28
C VAL D 15 0.58 41.82 -29.91
N SER D 16 -0.50 41.80 -30.72
CA SER D 16 -1.68 40.95 -30.53
C SER D 16 -1.30 39.48 -30.50
N GLU D 17 -0.53 39.00 -31.50
CA GLU D 17 -0.06 37.61 -31.64
C GLU D 17 0.75 37.18 -30.40
N LEU D 18 1.71 37.99 -29.98
CA LEU D 18 2.59 37.74 -28.84
C LEU D 18 1.83 37.79 -27.54
N SER D 19 0.85 38.71 -27.40
CA SER D 19 0.05 38.84 -26.18
C SER D 19 -0.75 37.57 -25.90
N HIS D 20 -1.41 37.03 -26.96
CA HIS D 20 -2.22 35.81 -26.95
C HIS D 20 -1.35 34.61 -26.72
N LYS D 21 -0.12 34.58 -27.29
CA LYS D 21 0.85 33.50 -27.10
C LYS D 21 1.35 33.50 -25.65
N LEU D 22 1.53 34.71 -25.06
CA LEU D 22 1.98 34.86 -23.68
C LEU D 22 0.91 34.39 -22.69
N GLY D 23 -0.32 34.84 -22.89
CA GLY D 23 -1.46 34.47 -22.08
C GLY D 23 -1.69 32.97 -22.06
N SER D 24 -1.60 32.32 -23.25
CA SER D 24 -1.74 30.88 -23.44
C SER D 24 -0.65 30.12 -22.70
N SER D 25 0.62 30.62 -22.81
CA SER D 25 1.79 30.05 -22.14
C SER D 25 1.63 30.16 -20.62
N GLU D 26 1.26 31.37 -20.15
CA GLU D 26 0.96 31.71 -18.77
C GLU D 26 -0.12 30.75 -18.19
N GLY D 27 -1.15 30.47 -19.00
CA GLY D 27 -2.26 29.57 -18.69
C GLY D 27 -1.85 28.12 -18.55
N SER D 28 -1.01 27.64 -19.49
CA SER D 28 -0.41 26.29 -19.53
C SER D 28 0.46 26.08 -18.31
N ASN D 29 1.20 27.13 -17.91
CA ASN D 29 2.05 27.17 -16.73
C ASN D 29 1.21 26.93 -15.48
N ARG D 30 0.05 27.63 -15.35
CA ARG D 30 -0.87 27.46 -14.20
C ARG D 30 -1.43 26.03 -14.10
N SER D 31 -1.72 25.38 -15.24
CA SER D 31 -2.18 23.98 -15.31
C SER D 31 -1.09 23.02 -14.88
N LEU D 32 0.15 23.23 -15.37
CA LEU D 32 1.33 22.43 -15.04
C LEU D 32 1.70 22.58 -13.57
N GLU D 33 1.59 23.81 -13.01
CA GLU D 33 1.86 24.07 -11.59
C GLU D 33 0.84 23.35 -10.69
N GLU D 34 -0.40 23.14 -11.17
CA GLU D 34 -1.45 22.41 -10.46
C GLU D 34 -1.09 20.92 -10.43
N GLU D 35 -0.60 20.36 -11.57
CA GLU D 35 -0.19 18.94 -11.69
C GLU D 35 1.03 18.66 -10.82
N THR D 36 2.01 19.59 -10.81
CA THR D 36 3.23 19.50 -9.97
C THR D 36 2.79 19.48 -8.52
N ALA D 37 1.88 20.41 -8.14
CA ALA D 37 1.37 20.53 -6.77
C ALA D 37 0.46 19.36 -6.36
N ARG D 38 -0.22 18.69 -7.32
CA ARG D 38 -1.07 17.51 -7.09
C ARG D 38 -0.17 16.31 -6.82
N LEU D 39 0.89 16.15 -7.64
CA LEU D 39 1.88 15.09 -7.53
C LEU D 39 2.75 15.27 -6.30
N ARG D 40 3.17 16.52 -5.98
CA ARG D 40 3.97 16.84 -4.79
C ARG D 40 3.23 16.44 -3.53
N SER D 41 1.91 16.71 -3.48
CA SER D 41 1.03 16.37 -2.35
C SER D 41 0.92 14.85 -2.16
N LEU D 42 0.64 14.09 -3.25
CA LEU D 42 0.51 12.62 -3.22
C LEU D 42 1.81 11.99 -2.77
N ASN D 43 2.95 12.54 -3.25
CA ASN D 43 4.31 12.13 -2.92
C ASN D 43 4.56 12.27 -1.42
N GLN D 44 4.20 13.43 -0.83
CA GLN D 44 4.33 13.71 0.59
C GLN D 44 3.53 12.70 1.40
N GLN D 45 2.27 12.42 0.99
CA GLN D 45 1.36 11.44 1.61
C GLN D 45 1.97 10.04 1.56
N LEU D 46 2.45 9.61 0.36
CA LEU D 46 3.06 8.28 0.16
C LEU D 46 4.33 8.15 0.98
N SER D 47 5.17 9.19 0.96
CA SER D 47 6.41 9.24 1.71
C SER D 47 6.16 9.11 3.22
N SER D 48 5.05 9.71 3.71
CA SER D 48 4.68 9.64 5.12
C SER D 48 4.20 8.24 5.51
N SER D 49 3.36 7.60 4.65
CA SER D 49 2.83 6.25 4.84
C SER D 49 4.00 5.26 4.91
N LYS D 50 4.98 5.42 4.01
CA LYS D 50 6.17 4.59 3.91
C LYS D 50 6.92 4.63 5.25
N HIS D 51 7.27 5.84 5.74
CA HIS D 51 7.96 6.09 7.01
C HIS D 51 7.20 5.44 8.19
N GLU D 52 5.87 5.58 8.20
CA GLU D 52 4.99 5.02 9.22
C GLU D 52 5.00 3.49 9.21
N LEU D 53 4.90 2.89 8.03
CA LEU D 53 4.91 1.44 7.85
C LEU D 53 6.23 0.85 8.25
N GLU D 54 7.34 1.56 7.97
CA GLU D 54 8.70 1.14 8.34
C GLU D 54 8.83 1.04 9.88
N ILE D 55 8.34 2.07 10.63
CA ILE D 55 8.32 2.09 12.11
C ILE D 55 7.54 0.86 12.63
N GLN D 56 6.31 0.66 12.12
CA GLN D 56 5.42 -0.42 12.51
C GLN D 56 6.00 -1.77 12.20
N LEU D 57 6.62 -1.93 11.02
CA LEU D 57 7.24 -3.18 10.59
C LEU D 57 8.41 -3.53 11.48
N ASN D 58 9.28 -2.54 11.78
CA ASN D 58 10.42 -2.75 12.67
C ASN D 58 10.01 -3.24 14.02
N GLU D 59 8.91 -2.68 14.58
CA GLU D 59 8.35 -3.05 15.87
C GLU D 59 7.80 -4.48 15.83
N ALA D 60 7.05 -4.81 14.76
CA ALA D 60 6.43 -6.12 14.57
C ALA D 60 7.50 -7.17 14.38
N LYS D 61 8.53 -6.89 13.54
CA LYS D 61 9.65 -7.79 13.28
C LYS D 61 10.40 -8.08 14.57
N ALA D 62 10.59 -7.06 15.43
CA ALA D 62 11.26 -7.18 16.73
C ALA D 62 10.50 -8.13 17.63
N LYS D 63 9.16 -7.95 17.72
CA LYS D 63 8.27 -8.77 18.52
C LYS D 63 8.31 -10.23 18.06
N VAL D 64 8.33 -10.48 16.73
CA VAL D 64 8.43 -11.83 16.16
C VAL D 64 9.70 -12.51 16.67
N LEU D 65 10.89 -11.86 16.49
CA LEU D 65 12.17 -12.40 16.94
C LEU D 65 12.19 -12.72 18.44
N ALA D 66 11.65 -11.84 19.29
CA ALA D 66 11.58 -12.03 20.74
C ALA D 66 10.71 -13.25 21.09
N LEU D 67 9.54 -13.38 20.41
CA LEU D 67 8.61 -14.48 20.63
C LEU D 67 9.16 -15.81 20.15
N ASP D 68 9.86 -15.82 18.99
CA ASP D 68 10.53 -16.99 18.43
C ASP D 68 11.55 -17.50 19.43
N GLU D 69 12.36 -16.58 19.96
CA GLU D 69 13.42 -16.83 20.93
C GLU D 69 12.87 -17.42 22.22
N LYS D 70 11.76 -16.84 22.74
CA LYS D 70 11.08 -17.29 23.95
C LYS D 70 10.49 -18.68 23.71
N ALA D 71 9.81 -18.90 22.57
CA ALA D 71 9.20 -20.19 22.23
C ALA D 71 10.23 -21.31 22.13
N GLN D 72 11.44 -21.01 21.65
CA GLN D 72 12.52 -22.00 21.55
C GLN D 72 13.04 -22.40 22.95
N SER D 73 13.19 -21.41 23.86
CA SER D 73 13.64 -21.62 25.23
C SER D 73 12.60 -22.38 26.06
N GLN D 74 11.29 -22.06 25.85
CA GLN D 74 10.18 -22.72 26.53
C GLN D 74 10.10 -24.18 26.08
N GLY D 75 10.37 -24.43 24.82
CA GLY D 75 10.39 -25.77 24.23
C GLY D 75 11.46 -26.65 24.83
N ASP D 76 12.60 -26.03 25.20
CA ASP D 76 13.73 -26.72 25.85
C ASP D 76 13.34 -27.14 27.27
N VAL D 77 12.69 -26.23 28.02
CA VAL D 77 12.19 -26.44 29.39
C VAL D 77 11.18 -27.59 29.39
N ILE D 78 10.17 -27.54 28.50
CA ILE D 78 9.15 -28.58 28.34
C ILE D 78 9.80 -29.96 28.18
N GLU D 79 10.77 -30.07 27.26
CA GLU D 79 11.47 -31.32 27.01
C GLU D 79 12.35 -31.77 28.20
N GLN D 80 12.98 -30.82 28.92
CA GLN D 80 13.78 -31.11 30.11
C GLN D 80 12.85 -31.65 31.21
N GLN D 81 11.66 -31.04 31.38
CA GLN D 81 10.64 -31.43 32.36
C GLN D 81 10.08 -32.81 32.02
N ARG D 82 9.84 -33.08 30.73
CA ARG D 82 9.35 -34.39 30.26
C ARG D 82 10.32 -35.49 30.62
N GLY D 83 11.63 -35.25 30.42
CA GLY D 83 12.70 -36.19 30.75
C GLY D 83 12.72 -36.49 32.23
N ARG D 84 12.61 -35.42 33.03
CA ARG D 84 12.59 -35.46 34.49
C ARG D 84 11.33 -36.19 35.00
N LEU D 85 10.16 -35.96 34.38
CA LEU D 85 8.91 -36.65 34.73
C LEU D 85 9.03 -38.15 34.48
N ARG D 86 9.66 -38.55 33.37
CA ARG D 86 9.91 -39.94 33.00
C ARG D 86 10.77 -40.64 34.05
N ASP D 87 11.86 -39.98 34.49
CA ASP D 87 12.79 -40.46 35.52
C ASP D 87 12.09 -40.59 36.89
N MET D 88 11.14 -39.70 37.18
CA MET D 88 10.38 -39.71 38.42
C MET D 88 9.37 -40.84 38.43
N GLU D 89 8.68 -41.06 37.28
CA GLU D 89 7.73 -42.16 37.07
C GLU D 89 8.45 -43.48 37.36
N ALA D 90 9.68 -43.63 36.81
CA ALA D 90 10.55 -44.80 36.95
C ALA D 90 10.92 -44.98 38.43
N ALA D 91 11.46 -43.95 39.08
CA ALA D 91 11.84 -43.96 40.51
C ALA D 91 10.67 -44.38 41.40
N LEU D 92 9.47 -43.83 41.13
CA LEU D 92 8.26 -44.14 41.87
C LEU D 92 7.83 -45.61 41.71
N ARG D 93 7.83 -46.11 40.47
CA ARG D 93 7.49 -47.48 40.07
C ARG D 93 8.41 -48.47 40.79
N GLN D 94 9.71 -48.15 40.85
CA GLN D 94 10.75 -48.94 41.50
C GLN D 94 10.62 -48.92 43.01
N THR D 95 10.37 -47.73 43.62
CA THR D 95 10.22 -47.58 45.08
C THR D 95 8.99 -48.36 45.55
N GLU D 96 7.83 -48.16 44.89
CA GLU D 96 6.60 -48.90 45.20
C GLU D 96 6.83 -50.44 45.09
N GLN D 97 7.64 -50.89 44.10
CA GLN D 97 8.03 -52.30 43.90
C GLN D 97 8.93 -52.82 45.04
N ARG D 98 9.86 -51.99 45.56
CA ARG D 98 10.70 -52.31 46.72
C ARG D 98 9.83 -52.45 47.96
N CYS D 99 8.81 -51.60 48.13
CA CYS D 99 7.80 -51.65 49.22
C CYS D 99 7.12 -52.99 49.26
N ALA D 100 6.54 -53.38 48.11
CA ALA D 100 5.82 -54.61 47.86
C ALA D 100 6.68 -55.84 48.18
N ASP D 101 7.97 -55.80 47.80
CA ASP D 101 8.93 -56.84 48.07
C ASP D 101 9.29 -56.91 49.57
N LEU D 102 9.37 -55.76 50.25
CA LEU D 102 9.65 -55.71 51.70
C LEU D 102 8.45 -56.24 52.46
N ARG D 103 7.20 -55.95 51.99
CA ARG D 103 5.95 -56.44 52.59
C ARG D 103 5.90 -57.97 52.56
N ASP D 104 6.29 -58.55 51.43
CA ASP D 104 6.31 -60.00 51.20
C ASP D 104 7.36 -60.71 52.06
N THR D 105 8.57 -60.12 52.16
CA THR D 105 9.69 -60.61 52.98
C THR D 105 9.33 -60.50 54.45
N LEU D 106 8.60 -59.43 54.85
CA LEU D 106 8.18 -59.20 56.22
C LEU D 106 7.13 -60.22 56.62
N ALA D 107 6.11 -60.44 55.77
CA ALA D 107 5.05 -61.42 55.99
C ALA D 107 5.65 -62.83 56.16
N SER D 108 6.71 -63.15 55.37
CA SER D 108 7.42 -64.41 55.39
C SER D 108 8.15 -64.62 56.74
N ALA D 109 8.91 -63.58 57.19
CA ALA D 109 9.66 -63.59 58.45
C ALA D 109 8.74 -63.72 59.65
N GLU D 110 7.55 -63.08 59.60
CA GLU D 110 6.51 -63.14 60.63
C GLU D 110 6.00 -64.57 60.77
N GLY D 111 5.73 -65.20 59.63
CA GLY D 111 5.25 -66.57 59.53
C GLY D 111 6.24 -67.59 60.08
N ARG D 112 7.54 -67.41 59.77
CA ARG D 112 8.63 -68.28 60.27
C ARG D 112 8.80 -68.12 61.78
N ALA D 113 8.74 -66.86 62.30
CA ALA D 113 8.85 -66.54 63.73
C ALA D 113 7.70 -67.17 64.53
N LYS D 114 6.46 -67.19 63.95
CA LYS D 114 5.24 -67.80 64.52
C LYS D 114 5.47 -69.32 64.76
N GLU D 115 6.01 -70.05 63.76
CA GLU D 115 6.33 -71.48 63.82
C GLU D 115 7.70 -71.72 64.50
N TYR E 9 13.79 46.66 -39.91
CA TYR E 9 12.95 45.49 -39.68
C TYR E 9 13.77 44.24 -39.34
N GLU E 10 14.87 44.02 -40.06
CA GLU E 10 15.78 42.88 -39.86
C GLU E 10 16.48 43.00 -38.49
N LEU E 11 16.80 44.25 -38.06
CA LEU E 11 17.42 44.56 -36.76
C LEU E 11 16.41 44.43 -35.61
N ASP E 12 15.15 44.83 -35.87
CA ASP E 12 14.03 44.74 -34.93
C ASP E 12 13.74 43.28 -34.58
N THR E 13 13.82 42.37 -35.60
CA THR E 13 13.60 40.92 -35.47
C THR E 13 14.72 40.26 -34.67
N LYS E 14 15.95 40.80 -34.76
CA LYS E 14 17.09 40.30 -34.00
C LYS E 14 16.87 40.60 -32.51
N VAL E 15 16.48 41.86 -32.15
CA VAL E 15 16.19 42.26 -30.76
C VAL E 15 15.11 41.36 -30.16
N SER E 16 14.03 41.14 -30.93
CA SER E 16 12.94 40.25 -30.51
C SER E 16 13.43 38.83 -30.29
N GLU E 17 14.31 38.33 -31.18
CA GLU E 17 14.90 36.98 -31.11
C GLU E 17 15.80 36.81 -29.89
N LEU E 18 16.58 37.85 -29.58
CA LEU E 18 17.49 37.86 -28.43
C LEU E 18 16.73 38.01 -27.14
N SER E 19 15.65 38.84 -27.12
CA SER E 19 14.83 39.04 -25.92
C SER E 19 14.20 37.70 -25.52
N HIS E 20 13.63 36.98 -26.52
CA HIS E 20 12.99 35.68 -26.36
C HIS E 20 13.99 34.65 -25.84
N LYS E 21 15.19 34.60 -26.47
CA LYS E 21 16.27 33.67 -26.09
C LYS E 21 16.84 33.99 -24.71
N LEU E 22 16.79 35.27 -24.28
CA LEU E 22 17.23 35.67 -22.96
C LEU E 22 16.22 35.21 -21.90
N GLY E 23 14.94 35.43 -22.17
CA GLY E 23 13.84 35.01 -21.31
C GLY E 23 13.86 33.52 -21.02
N SER E 24 14.09 32.70 -22.08
CA SER E 24 14.20 31.24 -22.01
C SER E 24 15.38 30.82 -21.15
N SER E 25 16.53 31.49 -21.33
CA SER E 25 17.76 31.24 -20.59
C SER E 25 17.56 31.56 -19.11
N GLU E 26 16.90 32.72 -18.80
CA GLU E 26 16.57 33.16 -17.45
C GLU E 26 15.62 32.15 -16.75
N GLY E 27 14.57 31.71 -17.46
CA GLY E 27 13.59 30.73 -16.99
C GLY E 27 14.24 29.40 -16.65
N SER E 28 15.22 28.98 -17.48
CA SER E 28 16.00 27.75 -17.27
C SER E 28 16.86 27.91 -16.02
N ASN E 29 17.45 29.10 -15.85
CA ASN E 29 18.30 29.44 -14.71
C ASN E 29 17.49 29.43 -13.40
N ARG E 30 16.33 30.10 -13.39
CA ARG E 30 15.45 30.16 -12.22
C ARG E 30 15.14 28.74 -11.75
N SER E 31 14.79 27.84 -12.71
CA SER E 31 14.48 26.43 -12.50
C SER E 31 15.71 25.63 -11.96
N LEU E 32 16.87 25.74 -12.63
CA LEU E 32 18.12 25.06 -12.27
C LEU E 32 18.53 25.37 -10.84
N GLU E 33 18.41 26.66 -10.43
CA GLU E 33 18.70 27.17 -9.10
C GLU E 33 17.77 26.50 -8.03
N GLU E 34 16.48 26.29 -8.37
CA GLU E 34 15.47 25.67 -7.50
C GLU E 34 15.79 24.18 -7.32
N GLU E 35 16.12 23.50 -8.44
CA GLU E 35 16.47 22.08 -8.45
C GLU E 35 17.76 21.82 -7.69
N THR E 36 18.77 22.69 -7.85
CA THR E 36 20.04 22.54 -7.12
C THR E 36 19.79 22.62 -5.61
N ALA E 37 18.93 23.58 -5.19
CA ALA E 37 18.55 23.77 -3.79
C ALA E 37 17.79 22.53 -3.27
N ARG E 38 16.87 21.97 -4.10
CA ARG E 38 16.07 20.79 -3.81
C ARG E 38 16.97 19.56 -3.60
N LEU E 39 17.95 19.38 -4.50
CA LEU E 39 18.92 18.28 -4.46
C LEU E 39 19.89 18.42 -3.30
N ARG E 40 20.39 19.65 -3.02
CA ARG E 40 21.29 19.90 -1.89
C ARG E 40 20.63 19.56 -0.56
N SER E 41 19.32 19.89 -0.42
CA SER E 41 18.51 19.60 0.77
C SER E 41 18.34 18.09 0.97
N LEU E 42 17.94 17.38 -0.10
CA LEU E 42 17.77 15.94 -0.08
C LEU E 42 19.09 15.25 0.33
N ASN E 43 20.20 15.72 -0.25
CA ASN E 43 21.54 15.24 0.01
C ASN E 43 21.86 15.31 1.50
N GLN E 44 21.65 16.45 2.18
CA GLN E 44 21.95 16.51 3.61
C GLN E 44 20.96 15.65 4.45
N GLN E 45 19.69 15.49 4.02
CA GLN E 45 18.77 14.56 4.67
C GLN E 45 19.29 13.11 4.57
N LEU E 46 19.74 12.68 3.35
CA LEU E 46 20.28 11.34 3.11
C LEU E 46 21.58 11.16 3.88
N SER E 47 22.44 12.19 3.83
CA SER E 47 23.72 12.20 4.56
C SER E 47 23.50 12.06 6.07
N SER E 48 22.41 12.67 6.60
CA SER E 48 22.08 12.59 8.02
C SER E 48 21.56 11.21 8.40
N SER E 49 20.70 10.59 7.57
CA SER E 49 20.17 9.23 7.76
C SER E 49 21.32 8.22 7.80
N LYS E 50 22.29 8.37 6.88
CA LYS E 50 23.48 7.52 6.77
C LYS E 50 24.27 7.57 8.08
N HIS E 51 24.63 8.80 8.52
CA HIS E 51 25.37 9.05 9.76
C HIS E 51 24.65 8.48 10.98
N GLU E 52 23.31 8.63 11.02
CA GLU E 52 22.46 8.09 12.07
C GLU E 52 22.46 6.58 12.12
N LEU E 53 22.32 5.91 10.97
CA LEU E 53 22.35 4.46 10.86
C LEU E 53 23.73 3.88 11.27
N GLU E 54 24.82 4.61 10.94
CA GLU E 54 26.20 4.24 11.29
C GLU E 54 26.36 4.22 12.83
N ILE E 55 25.84 5.28 13.53
CA ILE E 55 25.85 5.40 14.99
C ILE E 55 25.11 4.21 15.60
N GLN E 56 23.89 3.93 15.12
CA GLN E 56 23.03 2.85 15.59
C GLN E 56 23.64 1.49 15.36
N LEU E 57 24.30 1.27 14.20
CA LEU E 57 25.00 0.01 13.90
C LEU E 57 26.15 -0.20 14.85
N ASN E 58 26.98 0.84 15.05
CA ASN E 58 28.11 0.79 15.96
C ASN E 58 27.69 0.41 17.39
N GLU E 59 26.55 0.96 17.84
CA GLU E 59 25.96 0.69 19.16
C GLU E 59 25.46 -0.75 19.24
N ALA E 60 24.79 -1.24 18.19
CA ALA E 60 24.26 -2.60 18.12
C ALA E 60 25.39 -3.59 18.11
N LYS E 61 26.46 -3.34 17.31
CA LYS E 61 27.66 -4.21 17.24
C LYS E 61 28.35 -4.29 18.60
N ALA E 62 28.40 -3.16 19.33
CA ALA E 62 28.98 -3.05 20.67
C ALA E 62 28.19 -3.91 21.66
N LYS E 63 26.86 -3.80 21.64
CA LYS E 63 25.91 -4.54 22.47
C LYS E 63 26.03 -6.04 22.19
N VAL E 64 26.23 -6.44 20.94
CA VAL E 64 26.41 -7.85 20.61
C VAL E 64 27.65 -8.41 21.32
N LEU E 65 28.80 -7.70 21.23
CA LEU E 65 30.04 -8.13 21.89
C LEU E 65 29.88 -8.25 23.42
N ALA E 66 29.19 -7.29 24.06
CA ALA E 66 28.91 -7.28 25.50
C ALA E 66 28.04 -8.49 25.91
N LEU E 67 26.98 -8.77 25.10
CA LEU E 67 26.08 -9.89 25.33
C LEU E 67 26.75 -11.23 25.07
N ASP E 68 27.62 -11.33 24.05
CA ASP E 68 28.40 -12.54 23.72
C ASP E 68 29.28 -12.87 24.95
N GLU E 69 29.97 -11.85 25.49
CA GLU E 69 30.84 -11.95 26.65
C GLU E 69 30.09 -12.45 27.89
N LYS E 70 28.91 -11.88 28.13
CA LYS E 70 28.06 -12.23 29.27
C LYS E 70 27.52 -13.67 29.10
N ALA E 71 27.04 -14.02 27.89
CA ALA E 71 26.49 -15.34 27.60
C ALA E 71 27.52 -16.42 27.78
N GLN E 72 28.79 -16.15 27.42
CA GLN E 72 29.90 -17.11 27.57
C GLN E 72 30.19 -17.36 29.05
N SER E 73 30.22 -16.30 29.89
CA SER E 73 30.47 -16.40 31.34
C SER E 73 29.33 -17.13 32.05
N GLN E 74 28.08 -16.84 31.66
CA GLN E 74 26.89 -17.47 32.21
C GLN E 74 26.85 -18.97 31.89
N GLY E 75 27.28 -19.32 30.67
CA GLY E 75 27.37 -20.69 30.19
C GLY E 75 28.37 -21.51 30.99
N ASP E 76 29.44 -20.86 31.45
CA ASP E 76 30.50 -21.48 32.26
C ASP E 76 29.94 -21.81 33.64
N VAL E 77 29.22 -20.85 34.25
CA VAL E 77 28.54 -20.98 35.55
C VAL E 77 27.54 -22.16 35.51
N ILE E 78 26.67 -22.19 34.49
CA ILE E 78 25.65 -23.22 34.30
C ILE E 78 26.30 -24.61 34.34
N GLU E 79 27.32 -24.84 33.53
CA GLU E 79 28.00 -26.12 33.54
C GLU E 79 28.75 -26.42 34.84
N GLN E 80 29.32 -25.40 35.52
CA GLN E 80 30.02 -25.69 36.79
C GLN E 80 29.03 -25.92 37.93
N GLN E 81 27.79 -25.46 37.76
CA GLN E 81 26.73 -25.75 38.72
C GLN E 81 26.17 -27.13 38.47
N ARG E 82 26.05 -27.54 37.19
CA ARG E 82 25.57 -28.86 36.79
C ARG E 82 26.49 -29.95 37.30
N GLY E 83 27.79 -29.72 37.22
CA GLY E 83 28.82 -30.63 37.71
C GLY E 83 28.69 -30.79 39.21
N ARG E 84 28.50 -29.65 39.93
CA ARG E 84 28.33 -29.58 41.40
C ARG E 84 27.06 -30.27 41.85
N LEU E 85 25.94 -30.06 41.09
CA LEU E 85 24.67 -30.72 41.36
C LEU E 85 24.83 -32.24 41.27
N ARG E 86 25.50 -32.74 40.20
CA ARG E 86 25.78 -34.17 39.99
C ARG E 86 26.54 -34.77 41.16
N ASP E 87 27.61 -34.08 41.62
CA ASP E 87 28.46 -34.48 42.76
C ASP E 87 27.67 -34.51 44.07
N MET E 88 26.71 -33.59 44.24
CA MET E 88 25.86 -33.49 45.43
C MET E 88 24.82 -34.59 45.47
N GLU E 89 24.22 -34.91 44.28
CA GLU E 89 23.27 -36.02 44.09
C GLU E 89 23.94 -37.33 44.51
N ALA E 90 25.20 -37.53 44.06
CA ALA E 90 26.05 -38.68 44.35
C ALA E 90 26.31 -38.79 45.85
N ALA E 91 26.80 -37.70 46.48
CA ALA E 91 27.09 -37.60 47.92
C ALA E 91 25.87 -37.93 48.75
N LEU E 92 24.71 -37.41 48.35
CA LEU E 92 23.43 -37.65 49.02
C LEU E 92 23.00 -39.11 48.94
N ARG E 93 23.09 -39.73 47.75
CA ARG E 93 22.77 -41.14 47.47
C ARG E 93 23.58 -42.08 48.36
N GLN E 94 24.89 -41.77 48.50
CA GLN E 94 25.85 -42.54 49.31
C GLN E 94 25.62 -42.35 50.81
N THR E 95 25.37 -41.10 51.25
CA THR E 95 25.12 -40.78 52.67
C THR E 95 23.83 -41.45 53.12
N GLU E 96 22.72 -41.29 52.32
CA GLU E 96 21.42 -41.94 52.58
C GLU E 96 21.60 -43.47 52.72
N GLN E 97 22.48 -44.07 51.89
CA GLN E 97 22.80 -45.50 51.93
C GLN E 97 23.50 -45.89 53.25
N ARG E 98 24.41 -45.04 53.74
CA ARG E 98 25.08 -45.25 55.04
C ARG E 98 24.08 -45.17 56.19
N CYS E 99 23.11 -44.23 56.08
CA CYS E 99 22.00 -44.01 57.03
C CYS E 99 21.16 -45.25 57.13
N ALA E 100 20.69 -45.73 55.97
CA ALA E 100 19.85 -46.92 55.82
C ALA E 100 20.52 -48.15 56.45
N ASP E 101 21.84 -48.29 56.31
CA ASP E 101 22.64 -49.38 56.92
C ASP E 101 22.72 -49.24 58.45
N LEU E 102 22.86 -47.99 58.93
CA LEU E 102 22.89 -47.71 60.37
C LEU E 102 21.53 -47.95 61.01
N ARG E 103 20.45 -47.64 60.29
CA ARG E 103 19.05 -47.80 60.71
C ARG E 103 18.69 -49.27 60.86
N ASP E 104 19.23 -50.12 59.95
CA ASP E 104 19.03 -51.56 59.98
C ASP E 104 19.74 -52.15 61.21
N THR E 105 20.98 -51.73 61.47
CA THR E 105 21.78 -52.19 62.62
C THR E 105 21.14 -51.77 63.94
N LEU E 106 20.60 -50.53 63.99
CA LEU E 106 19.93 -49.98 65.17
C LEU E 106 18.59 -50.68 65.40
N ALA E 107 17.79 -50.86 64.34
CA ALA E 107 16.50 -51.54 64.39
C ALA E 107 16.66 -52.98 64.88
N SER E 108 17.77 -53.65 64.47
CA SER E 108 18.15 -55.02 64.83
C SER E 108 18.47 -55.12 66.32
N ALA E 109 19.28 -54.17 66.84
CA ALA E 109 19.67 -54.08 68.26
C ALA E 109 18.44 -53.80 69.14
N GLU E 110 17.48 -52.96 68.66
CA GLU E 110 16.22 -52.64 69.34
C GLU E 110 15.37 -53.92 69.49
N GLY E 111 15.31 -54.73 68.44
CA GLY E 111 14.57 -55.99 68.40
C GLY E 111 15.14 -57.03 69.34
N ARG E 112 16.49 -57.09 69.43
CA ARG E 112 17.26 -57.99 70.29
C ARG E 112 17.00 -57.57 71.75
N ALA E 113 17.06 -56.26 72.04
CA ALA E 113 16.82 -55.73 73.39
C ALA E 113 15.39 -56.05 73.88
N LYS E 114 14.39 -55.95 72.97
CA LYS E 114 12.96 -56.23 73.23
C LYS E 114 12.74 -57.67 73.71
N GLU E 115 13.34 -58.65 73.02
CA GLU E 115 13.22 -60.06 73.42
C GLU E 115 14.19 -60.39 74.58
N LEU F 11 19.30 50.37 -31.56
CA LEU F 11 19.02 48.94 -31.71
C LEU F 11 20.28 48.10 -31.58
N ASP F 12 21.41 48.64 -32.07
CA ASP F 12 22.72 48.02 -32.02
C ASP F 12 23.18 47.82 -30.55
N THR F 13 22.89 48.81 -29.68
CA THR F 13 23.21 48.79 -28.25
C THR F 13 22.34 47.75 -27.50
N LYS F 14 21.08 47.57 -27.94
CA LYS F 14 20.14 46.62 -27.37
C LYS F 14 20.64 45.21 -27.69
N VAL F 15 20.99 44.94 -28.97
CA VAL F 15 21.53 43.65 -29.44
C VAL F 15 22.74 43.26 -28.58
N SER F 16 23.67 44.21 -28.37
CA SER F 16 24.86 44.02 -27.56
C SER F 16 24.53 43.70 -26.08
N GLU F 17 23.64 44.50 -25.47
CA GLU F 17 23.19 44.33 -24.08
C GLU F 17 22.57 42.92 -23.87
N LEU F 18 21.68 42.48 -24.79
CA LEU F 18 21.01 41.18 -24.74
C LEU F 18 21.97 40.01 -24.92
N SER F 19 22.84 40.04 -25.98
CA SER F 19 23.87 39.02 -26.25
C SER F 19 24.70 38.71 -24.96
N HIS F 20 25.16 39.80 -24.32
CA HIS F 20 25.92 39.95 -23.09
C HIS F 20 25.21 39.30 -21.86
N LYS F 21 23.90 39.59 -21.70
CA LYS F 21 23.04 39.05 -20.66
C LYS F 21 22.79 37.56 -20.89
N LEU F 22 22.66 37.17 -22.18
CA LEU F 22 22.42 35.79 -22.60
C LEU F 22 23.64 34.92 -22.31
N GLY F 23 24.83 35.41 -22.67
CA GLY F 23 26.12 34.75 -22.43
C GLY F 23 26.35 34.44 -20.96
N SER F 24 26.04 35.43 -20.08
CA SER F 24 26.17 35.32 -18.63
C SER F 24 25.22 34.27 -18.08
N SER F 25 23.97 34.30 -18.56
CA SER F 25 22.91 33.38 -18.18
C SER F 25 23.24 31.98 -18.62
N GLU F 26 23.68 31.80 -19.88
CA GLU F 26 24.03 30.50 -20.40
C GLU F 26 25.27 29.88 -19.73
N GLY F 27 26.23 30.73 -19.34
CA GLY F 27 27.46 30.32 -18.65
C GLY F 27 27.10 29.77 -17.28
N SER F 28 26.17 30.48 -16.59
CA SER F 28 25.64 30.10 -15.28
C SER F 28 24.89 28.78 -15.39
N ASN F 29 24.07 28.65 -16.47
CA ASN F 29 23.27 27.47 -16.79
C ASN F 29 24.09 26.21 -16.95
N ARG F 30 25.18 26.25 -17.75
CA ARG F 30 26.06 25.10 -17.97
C ARG F 30 26.67 24.59 -16.63
N SER F 31 27.06 25.52 -15.73
CA SER F 31 27.60 25.23 -14.41
C SER F 31 26.54 24.57 -13.49
N LEU F 32 25.31 25.10 -13.53
CA LEU F 32 24.17 24.58 -12.76
C LEU F 32 23.76 23.18 -13.23
N GLU F 33 23.81 22.92 -14.55
CA GLU F 33 23.52 21.61 -15.14
C GLU F 33 24.53 20.54 -14.65
N GLU F 34 25.81 20.96 -14.46
CA GLU F 34 26.91 20.11 -13.96
C GLU F 34 26.64 19.74 -12.50
N GLU F 35 26.27 20.76 -11.69
CA GLU F 35 25.97 20.63 -10.27
C GLU F 35 24.77 19.70 -10.04
N THR F 36 23.68 19.83 -10.86
CA THR F 36 22.49 18.97 -10.75
C THR F 36 22.89 17.50 -10.97
N ALA F 37 23.73 17.25 -12.00
CA ALA F 37 24.25 15.94 -12.37
C ALA F 37 25.07 15.35 -11.22
N ARG F 38 25.96 16.18 -10.64
CA ARG F 38 26.84 15.86 -9.50
C ARG F 38 25.99 15.45 -8.29
N LEU F 39 24.99 16.29 -7.94
CA LEU F 39 24.09 16.06 -6.80
C LEU F 39 23.21 14.82 -6.98
N ARG F 40 22.69 14.57 -8.19
CA ARG F 40 21.86 13.40 -8.48
C ARG F 40 22.66 12.12 -8.25
N SER F 41 23.95 12.14 -8.64
CA SER F 41 24.90 11.03 -8.48
C SER F 41 25.20 10.75 -7.00
N LEU F 42 25.56 11.81 -6.21
CA LEU F 42 25.86 11.70 -4.77
C LEU F 42 24.68 11.16 -4.03
N ASN F 43 23.47 11.61 -4.42
CA ASN F 43 22.20 11.19 -3.85
C ASN F 43 21.96 9.69 -4.06
N GLN F 44 22.22 9.20 -5.29
CA GLN F 44 22.11 7.77 -5.62
C GLN F 44 23.05 6.93 -4.73
N GLN F 45 24.31 7.40 -4.56
CA GLN F 45 25.35 6.77 -3.73
C GLN F 45 24.92 6.75 -2.27
N LEU F 46 24.41 7.90 -1.75
CA LEU F 46 23.94 8.00 -0.35
C LEU F 46 22.74 7.12 -0.11
N SER F 47 21.79 7.13 -1.04
CA SER F 47 20.58 6.28 -1.00
C SER F 47 20.96 4.78 -0.95
N SER F 48 22.03 4.38 -1.68
CA SER F 48 22.51 2.99 -1.69
C SER F 48 23.17 2.60 -0.36
N SER F 49 24.00 3.50 0.20
CA SER F 49 24.67 3.32 1.50
C SER F 49 23.65 3.18 2.61
N LYS F 50 22.59 4.02 2.58
CA LYS F 50 21.48 4.02 3.52
C LYS F 50 20.80 2.65 3.53
N HIS F 51 20.36 2.16 2.34
CA HIS F 51 19.76 0.84 2.16
C HIS F 51 20.65 -0.30 2.70
N GLU F 52 21.97 -0.20 2.43
CA GLU F 52 22.97 -1.16 2.90
C GLU F 52 23.08 -1.17 4.42
N LEU F 53 23.16 0.02 5.03
CA LEU F 53 23.25 0.18 6.48
C LEU F 53 21.99 -0.33 7.18
N GLU F 54 20.80 -0.17 6.54
CA GLU F 54 19.52 -0.65 7.05
C GLU F 54 19.55 -2.18 7.14
N ILE F 55 20.03 -2.87 6.07
CA ILE F 55 20.17 -4.34 6.04
C ILE F 55 21.08 -4.82 7.20
N GLN F 56 22.27 -4.18 7.32
CA GLN F 56 23.27 -4.48 8.35
C GLN F 56 22.74 -4.21 9.77
N LEU F 57 22.00 -3.11 9.97
CA LEU F 57 21.42 -2.76 11.26
C LEU F 57 20.37 -3.78 11.65
N ASN F 58 19.50 -4.17 10.71
CA ASN F 58 18.45 -5.17 10.96
C ASN F 58 19.06 -6.50 11.42
N GLU F 59 20.20 -6.89 10.83
CA GLU F 59 20.94 -8.12 11.18
C GLU F 59 21.55 -8.00 12.60
N ALA F 60 22.15 -6.85 12.89
CA ALA F 60 22.76 -6.57 14.20
C ALA F 60 21.71 -6.52 15.29
N LYS F 61 20.56 -5.83 15.04
CA LYS F 61 19.42 -5.73 15.97
C LYS F 61 18.84 -7.11 16.25
N ALA F 62 18.78 -7.99 15.23
CA ALA F 62 18.31 -9.37 15.34
C ALA F 62 19.18 -10.15 16.31
N LYS F 63 20.52 -10.05 16.12
CA LYS F 63 21.52 -10.70 16.96
C LYS F 63 21.44 -10.22 18.42
N VAL F 64 21.17 -8.91 18.65
CA VAL F 64 20.99 -8.35 20.00
C VAL F 64 19.79 -9.04 20.68
N LEU F 65 18.63 -9.12 20.01
CA LEU F 65 17.45 -9.78 20.55
C LEU F 65 17.69 -11.26 20.91
N ALA F 66 18.40 -11.99 20.05
CA ALA F 66 18.74 -13.40 20.31
C ALA F 66 19.65 -13.53 21.55
N LEU F 67 20.64 -12.63 21.69
CA LEU F 67 21.59 -12.61 22.80
C LEU F 67 20.91 -12.20 24.10
N ASP F 68 19.97 -11.24 24.04
CA ASP F 68 19.15 -10.80 25.18
C ASP F 68 18.33 -11.98 25.71
N GLU F 69 17.64 -12.72 24.83
CA GLU F 69 16.87 -13.88 25.25
C GLU F 69 17.74 -14.98 25.84
N LYS F 70 18.92 -15.21 25.24
CA LYS F 70 19.81 -16.22 25.78
C LYS F 70 20.28 -15.81 27.18
N ALA F 71 20.73 -14.55 27.35
CA ALA F 71 21.22 -14.04 28.64
C ALA F 71 20.15 -14.09 29.74
N GLN F 72 18.91 -13.77 29.39
CA GLN F 72 17.79 -13.80 30.34
C GLN F 72 17.45 -15.23 30.76
N SER F 73 17.46 -16.18 29.80
CA SER F 73 17.18 -17.59 30.05
C SER F 73 18.29 -18.23 30.88
N GLN F 74 19.56 -17.89 30.58
CA GLN F 74 20.73 -18.38 31.29
C GLN F 74 20.69 -17.92 32.75
N GLY F 75 20.28 -16.67 32.96
CA GLY F 75 20.16 -16.07 34.28
C GLY F 75 19.15 -16.79 35.16
N ASP F 76 18.06 -17.27 34.52
CA ASP F 76 16.98 -18.01 35.18
C ASP F 76 17.49 -19.37 35.63
N VAL F 77 18.22 -20.08 34.74
CA VAL F 77 18.84 -21.39 34.95
C VAL F 77 19.80 -21.30 36.13
N ILE F 78 20.72 -20.34 36.09
CA ILE F 78 21.71 -20.11 37.15
C ILE F 78 21.03 -20.03 38.52
N GLU F 79 19.97 -19.17 38.61
CA GLU F 79 19.23 -18.95 39.85
C GLU F 79 18.45 -20.20 40.30
N GLN F 80 17.91 -20.97 39.34
CA GLN F 80 17.22 -22.23 39.62
C GLN F 80 18.21 -23.27 40.18
N GLN F 81 19.42 -23.33 39.60
CA GLN F 81 20.50 -24.21 40.02
C GLN F 81 21.10 -23.80 41.36
N ARG F 82 21.20 -22.48 41.60
CA ARG F 82 21.66 -21.87 42.86
C ARG F 82 20.75 -22.35 44.00
N GLY F 83 19.44 -22.27 43.77
CA GLY F 83 18.41 -22.69 44.72
C GLY F 83 18.50 -24.16 45.03
N ARG F 84 18.65 -24.96 43.97
CA ARG F 84 18.77 -26.41 44.05
C ARG F 84 20.04 -26.82 44.79
N LEU F 85 21.17 -26.13 44.55
CA LEU F 85 22.43 -26.40 45.24
C LEU F 85 22.30 -26.15 46.76
N ARG F 86 21.65 -25.03 47.14
CA ARG F 86 21.39 -24.63 48.52
C ARG F 86 20.59 -25.75 49.24
N ASP F 87 19.52 -26.24 48.59
CA ASP F 87 18.63 -27.29 49.11
C ASP F 87 19.35 -28.62 49.27
N MET F 88 20.31 -28.91 48.37
CA MET F 88 21.11 -30.12 48.39
C MET F 88 22.14 -30.11 49.51
N GLU F 89 22.78 -28.93 49.71
CA GLU F 89 23.74 -28.69 50.81
C GLU F 89 23.03 -28.98 52.15
N ALA F 90 21.81 -28.44 52.29
CA ALA F 90 20.96 -28.58 53.45
C ALA F 90 20.61 -30.06 53.69
N ALA F 91 20.09 -30.76 52.63
CA ALA F 91 19.72 -32.18 52.70
C ALA F 91 20.90 -33.06 53.11
N LEU F 92 22.09 -32.77 52.56
CA LEU F 92 23.32 -33.49 52.87
C LEU F 92 23.75 -33.30 54.35
N ARG F 93 23.74 -32.04 54.83
CA ARG F 93 24.07 -31.64 56.20
C ARG F 93 23.17 -32.38 57.19
N GLN F 94 21.87 -32.49 56.85
CA GLN F 94 20.85 -33.14 57.68
C GLN F 94 21.02 -34.64 57.67
N THR F 95 21.28 -35.26 56.49
CA THR F 95 21.45 -36.71 56.36
C THR F 95 22.70 -37.15 57.16
N GLU F 96 23.85 -36.48 56.96
CA GLU F 96 25.10 -36.71 57.71
C GLU F 96 24.87 -36.58 59.24
N GLN F 97 24.02 -35.61 59.66
CA GLN F 97 23.65 -35.37 61.06
C GLN F 97 22.82 -36.54 61.60
N ARG F 98 21.90 -37.13 60.77
CA ARG F 98 21.11 -38.29 61.14
C ARG F 98 22.01 -39.49 61.34
N CYS F 99 23.06 -39.64 60.50
CA CYS F 99 24.06 -40.71 60.55
C CYS F 99 24.75 -40.68 61.91
N ALA F 100 25.30 -39.50 62.24
CA ALA F 100 26.03 -39.21 63.47
C ALA F 100 25.19 -39.52 64.73
N ASP F 101 23.90 -39.18 64.68
CA ASP F 101 22.94 -39.43 65.73
C ASP F 101 22.64 -40.92 65.86
N LEU F 102 22.55 -41.66 64.74
CA LEU F 102 22.30 -43.10 64.77
C LEU F 102 23.49 -43.83 65.38
N ARG F 103 24.72 -43.34 65.08
CA ARG F 103 25.99 -43.89 65.60
C ARG F 103 26.04 -43.79 67.12
N ASP F 104 25.62 -42.62 67.64
CA ASP F 104 25.59 -42.31 69.07
C ASP F 104 24.51 -43.13 69.81
N THR F 105 23.33 -43.29 69.18
CA THR F 105 22.20 -44.07 69.72
C THR F 105 22.56 -45.54 69.77
N LEU F 106 23.32 -46.04 68.75
CA LEU F 106 23.79 -47.41 68.69
C LEU F 106 24.81 -47.67 69.81
N ALA F 107 25.80 -46.77 69.97
CA ALA F 107 26.80 -46.85 71.02
C ALA F 107 26.16 -46.86 72.43
N SER F 108 25.08 -46.05 72.61
CA SER F 108 24.31 -45.93 73.85
C SER F 108 23.53 -47.22 74.15
N ALA F 109 22.87 -47.82 73.13
CA ALA F 109 22.13 -49.09 73.24
C ALA F 109 23.06 -50.26 73.61
N GLU F 110 24.31 -50.26 73.05
CA GLU F 110 25.35 -51.25 73.33
C GLU F 110 25.76 -51.15 74.81
N GLY F 111 25.87 -49.93 75.31
CA GLY F 111 26.24 -49.62 76.69
C GLY F 111 25.19 -50.05 77.70
N ARG F 112 23.91 -49.87 77.33
CA ARG F 112 22.72 -50.24 78.11
C ARG F 112 22.69 -51.77 78.20
N ALA F 113 22.84 -52.45 77.04
CA ALA F 113 22.83 -53.91 76.93
C ALA F 113 23.94 -54.56 77.76
N LYS F 114 25.15 -53.96 77.75
CA LYS F 114 26.33 -54.42 78.51
C LYS F 114 26.00 -54.60 79.99
N GLU F 115 25.26 -53.66 80.57
CA GLU F 115 24.82 -53.74 81.95
C GLU F 115 23.84 -54.91 82.12
N ALA F 116 24.35 -55.99 82.77
CA ALA F 116 23.63 -57.24 83.03
C ALA F 116 24.42 -58.10 84.09
N GLU G 10 -25.52 -38.40 30.36
CA GLU G 10 -26.49 -38.22 29.25
C GLU G 10 -26.12 -37.09 28.24
N LEU G 11 -24.96 -37.20 27.57
CA LEU G 11 -24.43 -36.22 26.59
C LEU G 11 -24.59 -36.79 25.15
N ASP G 12 -25.32 -37.89 25.01
CA ASP G 12 -25.53 -38.61 23.74
C ASP G 12 -26.42 -37.77 22.81
N THR G 13 -27.40 -37.05 23.41
CA THR G 13 -28.32 -36.09 22.78
C THR G 13 -27.49 -34.93 22.21
N LYS G 14 -26.46 -34.46 22.94
CA LYS G 14 -25.57 -33.37 22.54
C LYS G 14 -24.89 -33.64 21.23
N VAL G 15 -24.36 -34.87 20.99
CA VAL G 15 -23.67 -35.28 19.74
C VAL G 15 -24.64 -35.09 18.56
N SER G 16 -25.80 -35.74 18.65
CA SER G 16 -26.89 -35.63 17.69
C SER G 16 -27.31 -34.16 17.52
N GLU G 17 -27.34 -33.39 18.64
CA GLU G 17 -27.69 -31.97 18.70
C GLU G 17 -26.68 -31.11 18.01
N LEU G 18 -25.40 -31.48 18.07
CA LEU G 18 -24.37 -30.74 17.35
C LEU G 18 -24.41 -31.15 15.89
N SER G 19 -24.79 -32.44 15.62
CA SER G 19 -24.88 -33.01 14.27
C SER G 19 -25.88 -32.28 13.37
N HIS G 20 -27.12 -32.00 13.85
CA HIS G 20 -28.19 -31.30 13.10
C HIS G 20 -27.88 -29.84 12.89
N LYS G 21 -27.22 -29.21 13.91
CA LYS G 21 -26.77 -27.83 13.85
C LYS G 21 -25.66 -27.71 12.81
N LEU G 22 -24.80 -28.75 12.72
CA LEU G 22 -23.71 -28.80 11.76
C LEU G 22 -24.24 -28.98 10.34
N GLY G 23 -25.19 -29.90 10.17
CA GLY G 23 -25.87 -30.15 8.90
C GLY G 23 -26.54 -28.92 8.33
N SER G 24 -27.25 -28.16 9.19
CA SER G 24 -27.92 -26.89 8.85
C SER G 24 -26.90 -25.85 8.41
N SER G 25 -25.78 -25.73 9.15
CA SER G 25 -24.69 -24.79 8.88
C SER G 25 -24.03 -25.13 7.53
N GLU G 26 -23.78 -26.44 7.29
CA GLU G 26 -23.20 -26.94 6.03
C GLU G 26 -24.10 -26.64 4.82
N GLY G 27 -25.40 -26.93 4.97
CA GLY G 27 -26.41 -26.68 3.96
C GLY G 27 -26.51 -25.21 3.60
N SER G 28 -26.42 -24.34 4.62
CA SER G 28 -26.45 -22.88 4.47
C SER G 28 -25.20 -22.45 3.71
N ASN G 29 -24.03 -23.01 4.07
CA ASN G 29 -22.74 -22.73 3.47
C ASN G 29 -22.71 -23.07 1.99
N ARG G 30 -23.23 -24.27 1.61
CA ARG G 30 -23.30 -24.71 0.20
C ARG G 30 -24.11 -23.77 -0.66
N SER G 31 -25.24 -23.25 -0.11
CA SER G 31 -26.14 -22.30 -0.75
C SER G 31 -25.48 -20.95 -0.92
N LEU G 32 -24.79 -20.48 0.13
CA LEU G 32 -24.08 -19.20 0.13
C LEU G 32 -22.93 -19.19 -0.85
N GLU G 33 -22.18 -20.30 -0.97
CA GLU G 33 -21.07 -20.46 -1.92
C GLU G 33 -21.56 -20.37 -3.38
N GLU G 34 -22.79 -20.92 -3.64
CA GLU G 34 -23.46 -20.89 -4.94
C GLU G 34 -23.86 -19.46 -5.30
N GLU G 35 -24.46 -18.76 -4.32
CA GLU G 35 -24.93 -17.38 -4.46
C GLU G 35 -23.77 -16.42 -4.70
N THR G 36 -22.64 -16.59 -3.98
CA THR G 36 -21.46 -15.75 -4.14
C THR G 36 -20.91 -15.89 -5.56
N ALA G 37 -20.85 -17.15 -6.05
CA ALA G 37 -20.39 -17.48 -7.40
C ALA G 37 -21.26 -16.84 -8.47
N ARG G 38 -22.61 -16.97 -8.34
CA ARG G 38 -23.54 -16.39 -9.31
C ARG G 38 -23.49 -14.86 -9.28
N LEU G 39 -23.35 -14.22 -8.09
CA LEU G 39 -23.24 -12.77 -7.96
C LEU G 39 -21.94 -12.27 -8.53
N ARG G 40 -20.81 -12.98 -8.28
CA ARG G 40 -19.50 -12.58 -8.81
C ARG G 40 -19.50 -12.55 -10.33
N SER G 41 -20.19 -13.54 -10.95
CA SER G 41 -20.35 -13.67 -12.40
C SER G 41 -21.18 -12.52 -13.00
N LEU G 42 -22.37 -12.24 -12.42
CA LEU G 42 -23.27 -11.14 -12.86
C LEU G 42 -22.55 -9.82 -12.75
N ASN G 43 -21.78 -9.63 -11.67
CA ASN G 43 -20.99 -8.44 -11.39
C ASN G 43 -19.95 -8.20 -12.47
N GLN G 44 -19.22 -9.25 -12.87
CA GLN G 44 -18.21 -9.22 -13.94
C GLN G 44 -18.88 -8.77 -15.27
N GLN G 45 -20.07 -9.35 -15.60
CA GLN G 45 -20.88 -9.05 -16.79
C GLN G 45 -21.33 -7.59 -16.77
N LEU G 46 -21.88 -7.11 -15.61
CA LEU G 46 -22.35 -5.72 -15.45
C LEU G 46 -21.19 -4.77 -15.57
N SER G 47 -20.06 -5.11 -14.92
CA SER G 47 -18.84 -4.30 -14.95
C SER G 47 -18.31 -4.13 -16.39
N SER G 48 -18.44 -5.17 -17.21
CA SER G 48 -18.03 -5.15 -18.61
C SER G 48 -18.95 -4.27 -19.46
N SER G 49 -20.29 -4.39 -19.26
CA SER G 49 -21.30 -3.57 -19.96
C SER G 49 -21.10 -2.09 -19.64
N LYS G 50 -20.83 -1.77 -18.35
CA LYS G 50 -20.58 -0.43 -17.83
C LYS G 50 -19.40 0.18 -18.55
N HIS G 51 -18.27 -0.54 -18.56
CA HIS G 51 -17.08 -0.03 -19.20
C HIS G 51 -17.28 0.17 -20.71
N GLU G 52 -18.07 -0.74 -21.37
CA GLU G 52 -18.41 -0.62 -22.79
C GLU G 52 -19.24 0.66 -23.07
N LEU G 53 -20.26 0.92 -22.23
CA LEU G 53 -21.11 2.11 -22.37
C LEU G 53 -20.31 3.40 -22.15
N GLU G 54 -19.32 3.34 -21.21
CA GLU G 54 -18.42 4.44 -20.89
C GLU G 54 -17.57 4.79 -22.10
N ILE G 55 -16.96 3.76 -22.77
CA ILE G 55 -16.16 3.90 -23.99
C ILE G 55 -17.00 4.60 -25.06
N GLN G 56 -18.21 4.08 -25.34
CA GLN G 56 -19.13 4.63 -26.36
C GLN G 56 -19.57 6.06 -26.07
N LEU G 57 -19.88 6.36 -24.80
CA LEU G 57 -20.29 7.70 -24.39
C LEU G 57 -19.16 8.72 -24.57
N ASN G 58 -17.95 8.32 -24.15
CA ASN G 58 -16.75 9.15 -24.28
C ASN G 58 -16.48 9.49 -25.73
N GLU G 59 -16.67 8.51 -26.64
CA GLU G 59 -16.48 8.68 -28.08
C GLU G 59 -17.54 9.62 -28.66
N ALA G 60 -18.80 9.48 -28.25
CA ALA G 60 -19.91 10.36 -28.70
C ALA G 60 -19.69 11.79 -28.23
N LYS G 61 -19.29 11.98 -26.95
CA LYS G 61 -19.01 13.30 -26.37
C LYS G 61 -17.83 14.01 -27.08
N ALA G 62 -16.80 13.21 -27.46
CA ALA G 62 -15.63 13.65 -28.21
C ALA G 62 -16.04 14.15 -29.59
N LYS G 63 -16.93 13.39 -30.27
CA LYS G 63 -17.44 13.67 -31.61
C LYS G 63 -18.21 14.97 -31.58
N VAL G 64 -18.98 15.23 -30.49
CA VAL G 64 -19.72 16.48 -30.30
C VAL G 64 -18.73 17.67 -30.38
N LEU G 65 -17.63 17.61 -29.65
CA LEU G 65 -16.61 18.67 -29.69
C LEU G 65 -16.03 18.93 -31.09
N ALA G 66 -15.76 17.86 -31.84
CA ALA G 66 -15.25 17.96 -33.22
C ALA G 66 -16.29 18.62 -34.19
N LEU G 67 -17.56 18.22 -34.03
CA LEU G 67 -18.66 18.76 -34.83
C LEU G 67 -18.97 20.20 -34.50
N ASP G 68 -18.86 20.56 -33.21
CA ASP G 68 -19.06 21.93 -32.71
C ASP G 68 -17.98 22.82 -33.34
N GLU G 69 -16.74 22.36 -33.37
CA GLU G 69 -15.61 23.05 -33.97
C GLU G 69 -15.82 23.32 -35.48
N LYS G 70 -16.29 22.28 -36.23
CA LYS G 70 -16.61 22.40 -37.66
C LYS G 70 -17.80 23.37 -37.89
N ALA G 71 -18.86 23.25 -37.07
CA ALA G 71 -20.04 24.14 -37.16
C ALA G 71 -19.68 25.60 -36.91
N GLN G 72 -18.73 25.88 -35.99
CA GLN G 72 -18.28 27.24 -35.70
C GLN G 72 -17.53 27.83 -36.93
N SER G 73 -16.69 27.03 -37.61
CA SER G 73 -15.93 27.45 -38.79
C SER G 73 -16.86 27.71 -39.98
N GLN G 74 -17.86 26.83 -40.16
CA GLN G 74 -18.86 26.95 -41.22
C GLN G 74 -19.72 28.23 -41.02
N GLY G 75 -20.03 28.53 -39.76
CA GLY G 75 -20.78 29.71 -39.35
C GLY G 75 -20.05 30.99 -39.67
N ASP G 76 -18.69 30.97 -39.59
CA ASP G 76 -17.83 32.10 -39.91
C ASP G 76 -17.89 32.39 -41.41
N VAL G 77 -17.78 31.33 -42.24
CA VAL G 77 -17.85 31.36 -43.70
C VAL G 77 -19.19 31.97 -44.13
N ILE G 78 -20.31 31.43 -43.60
CA ILE G 78 -21.67 31.90 -43.89
C ILE G 78 -21.78 33.41 -43.66
N GLU G 79 -21.34 33.90 -42.47
CA GLU G 79 -21.34 35.31 -42.10
C GLU G 79 -20.47 36.14 -43.07
N GLN G 80 -19.23 35.65 -43.40
CA GLN G 80 -18.32 36.33 -44.32
C GLN G 80 -19.03 36.50 -45.70
N GLN G 81 -19.67 35.43 -46.18
CA GLN G 81 -20.36 35.41 -47.45
C GLN G 81 -21.55 36.34 -47.46
N ARG G 82 -22.27 36.44 -46.31
CA ARG G 82 -23.41 37.36 -46.13
C ARG G 82 -22.94 38.80 -46.37
N GLY G 83 -21.86 39.19 -45.65
CA GLY G 83 -21.21 40.49 -45.74
C GLY G 83 -20.78 40.81 -47.15
N ARG G 84 -20.03 39.89 -47.79
CA ARG G 84 -19.58 40.04 -49.18
C ARG G 84 -20.76 40.25 -50.14
N LEU G 85 -21.81 39.40 -50.04
CA LEU G 85 -23.02 39.55 -50.86
C LEU G 85 -23.61 40.96 -50.72
N ARG G 86 -23.76 41.43 -49.45
CA ARG G 86 -24.27 42.74 -49.08
C ARG G 86 -23.40 43.85 -49.73
N ASP G 87 -22.05 43.75 -49.59
CA ASP G 87 -21.07 44.68 -50.18
C ASP G 87 -21.11 44.71 -51.70
N MET G 88 -21.35 43.55 -52.32
CA MET G 88 -21.43 43.45 -53.77
C MET G 88 -22.73 44.02 -54.25
N GLU G 89 -23.80 43.75 -53.49
CA GLU G 89 -25.13 44.26 -53.76
C GLU G 89 -25.08 45.81 -53.75
N ALA G 90 -24.29 46.38 -52.82
CA ALA G 90 -24.08 47.82 -52.66
C ALA G 90 -23.28 48.40 -53.82
N ALA G 91 -22.18 47.73 -54.22
CA ALA G 91 -21.34 48.13 -55.35
C ALA G 91 -22.07 48.02 -56.68
N LEU G 92 -22.96 47.01 -56.84
CA LEU G 92 -23.73 46.78 -58.06
C LEU G 92 -24.77 47.87 -58.28
N ARG G 93 -25.62 48.16 -57.25
CA ARG G 93 -26.65 49.21 -57.35
C ARG G 93 -26.02 50.59 -57.58
N GLN G 94 -24.83 50.82 -56.99
CA GLN G 94 -24.03 52.04 -57.15
C GLN G 94 -23.50 52.17 -58.59
N THR G 95 -22.83 51.11 -59.14
CA THR G 95 -22.28 51.05 -60.51
C THR G 95 -23.40 51.27 -61.52
N GLU G 96 -24.59 50.70 -61.27
CA GLU G 96 -25.78 50.88 -62.11
C GLU G 96 -26.24 52.37 -62.06
N GLN G 97 -26.86 52.78 -60.92
CA GLN G 97 -27.46 54.10 -60.61
C GLN G 97 -26.55 55.29 -60.83
N ARG G 98 -25.27 55.22 -60.39
CA ARG G 98 -24.28 56.30 -60.56
C ARG G 98 -23.93 56.49 -62.04
N CYS G 99 -23.99 55.40 -62.83
CA CYS G 99 -23.63 55.46 -64.25
C CYS G 99 -24.84 55.26 -65.17
N ALA G 100 -26.06 55.39 -64.60
CA ALA G 100 -27.33 55.36 -65.32
C ALA G 100 -27.55 56.80 -65.80
N ASP G 101 -26.94 57.78 -65.07
CA ASP G 101 -26.95 59.22 -65.34
C ASP G 101 -26.33 59.53 -66.72
N LEU G 102 -25.50 58.58 -67.23
CA LEU G 102 -24.80 58.61 -68.52
C LEU G 102 -25.79 58.51 -69.68
N ARG H 5 -15.97 -45.07 32.73
CA ARG H 5 -15.41 -43.71 32.70
C ARG H 5 -14.61 -43.47 31.40
N GLU H 6 -13.98 -44.52 30.83
CA GLU H 6 -13.17 -44.50 29.60
C GLU H 6 -14.04 -44.11 28.39
N VAL H 7 -15.34 -44.48 28.45
CA VAL H 7 -16.39 -44.20 27.45
C VAL H 7 -16.65 -42.68 27.36
N LYS H 8 -16.59 -41.97 28.53
CA LYS H 8 -16.77 -40.51 28.64
C LYS H 8 -15.71 -39.80 27.86
N TYR H 9 -14.48 -40.35 27.81
CA TYR H 9 -13.37 -39.77 27.03
C TYR H 9 -13.69 -39.82 25.52
N GLU H 10 -14.22 -40.96 25.02
CA GLU H 10 -14.56 -41.16 23.60
C GLU H 10 -15.71 -40.25 23.15
N LEU H 11 -16.68 -40.04 24.06
CA LEU H 11 -17.85 -39.19 23.89
C LEU H 11 -17.45 -37.72 23.99
N ASP H 12 -16.52 -37.39 24.91
CA ASP H 12 -15.99 -36.03 25.08
C ASP H 12 -15.25 -35.59 23.81
N THR H 13 -14.48 -36.51 23.17
CA THR H 13 -13.74 -36.27 21.93
C THR H 13 -14.69 -36.09 20.73
N LYS H 14 -15.86 -36.77 20.73
CA LYS H 14 -16.88 -36.65 19.68
C LYS H 14 -17.47 -35.24 19.76
N VAL H 15 -17.91 -34.82 20.98
CA VAL H 15 -18.48 -33.50 21.27
C VAL H 15 -17.50 -32.40 20.81
N SER H 16 -16.21 -32.48 21.23
CA SER H 16 -15.12 -31.59 20.85
C SER H 16 -15.01 -31.48 19.32
N GLU H 17 -14.86 -32.64 18.62
CA GLU H 17 -14.73 -32.74 17.15
C GLU H 17 -15.89 -32.08 16.41
N LEU H 18 -17.13 -32.36 16.84
CA LEU H 18 -18.34 -31.80 16.26
C LEU H 18 -18.42 -30.31 16.54
N SER H 19 -18.09 -29.88 17.78
CA SER H 19 -18.05 -28.46 18.18
C SER H 19 -17.04 -27.68 17.31
N HIS H 20 -15.86 -28.30 17.07
CA HIS H 20 -14.79 -27.73 16.24
C HIS H 20 -15.28 -27.53 14.81
N LYS H 21 -15.90 -28.57 14.23
CA LYS H 21 -16.44 -28.57 12.87
C LYS H 21 -17.58 -27.57 12.75
N LEU H 22 -18.40 -27.43 13.80
CA LEU H 22 -19.51 -26.50 13.85
C LEU H 22 -19.00 -25.05 13.92
N GLY H 23 -18.03 -24.79 14.77
CA GLY H 23 -17.40 -23.47 14.90
C GLY H 23 -16.82 -22.94 13.59
N SER H 24 -16.10 -23.83 12.85
CA SER H 24 -15.50 -23.56 11.55
C SER H 24 -16.58 -23.24 10.53
N SER H 25 -17.67 -24.05 10.52
CA SER H 25 -18.81 -23.91 9.62
C SER H 25 -19.53 -22.59 9.89
N GLU H 26 -19.75 -22.26 11.19
CA GLU H 26 -20.39 -20.99 11.62
C GLU H 26 -19.58 -19.79 11.16
N GLY H 27 -18.26 -19.83 11.37
CA GLY H 27 -17.32 -18.78 10.97
C GLY H 27 -17.30 -18.54 9.49
N SER H 28 -17.36 -19.63 8.71
CA SER H 28 -17.46 -19.60 7.25
C SER H 28 -18.78 -18.98 6.81
N ASN H 29 -19.86 -19.33 7.51
CA ASN H 29 -21.21 -18.84 7.24
C ASN H 29 -21.28 -17.33 7.43
N ARG H 30 -20.71 -16.85 8.55
CA ARG H 30 -20.67 -15.43 8.88
C ARG H 30 -19.95 -14.64 7.77
N SER H 31 -18.82 -15.16 7.25
CA SER H 31 -18.03 -14.53 6.17
C SER H 31 -18.79 -14.48 4.88
N LEU H 32 -19.45 -15.62 4.53
CA LEU H 32 -20.24 -15.75 3.31
C LEU H 32 -21.43 -14.82 3.29
N GLU H 33 -22.14 -14.68 4.43
CA GLU H 33 -23.30 -13.80 4.56
C GLU H 33 -22.90 -12.32 4.34
N GLU H 34 -21.68 -11.94 4.78
CA GLU H 34 -21.10 -10.61 4.66
C GLU H 34 -20.77 -10.31 3.21
N GLU H 35 -20.10 -11.28 2.56
CA GLU H 35 -19.68 -11.22 1.17
C GLU H 35 -20.88 -11.17 0.24
N THR H 36 -21.93 -11.99 0.49
CA THR H 36 -23.14 -11.94 -0.35
C THR H 36 -23.75 -10.54 -0.28
N ALA H 37 -23.87 -9.98 0.94
CA ALA H 37 -24.44 -8.65 1.16
C ALA H 37 -23.64 -7.60 0.38
N ARG H 38 -22.30 -7.70 0.44
CA ARG H 38 -21.33 -6.85 -0.24
C ARG H 38 -21.50 -6.91 -1.76
N LEU H 39 -21.61 -8.15 -2.30
CA LEU H 39 -21.77 -8.42 -3.74
C LEU H 39 -23.14 -8.00 -4.24
N ARG H 40 -24.21 -8.24 -3.45
CA ARG H 40 -25.58 -7.85 -3.82
C ARG H 40 -25.67 -6.32 -3.98
N SER H 41 -24.98 -5.58 -3.09
CA SER H 41 -24.92 -4.10 -3.11
C SER H 41 -24.16 -3.56 -4.35
N LEU H 42 -22.99 -4.16 -4.68
CA LEU H 42 -22.19 -3.78 -5.84
C LEU H 42 -22.96 -4.02 -7.10
N ASN H 43 -23.73 -5.14 -7.14
CA ASN H 43 -24.58 -5.53 -8.25
C ASN H 43 -25.66 -4.47 -8.53
N GLN H 44 -26.36 -4.03 -7.46
CA GLN H 44 -27.40 -3.00 -7.50
C GLN H 44 -26.79 -1.72 -8.05
N GLN H 45 -25.60 -1.38 -7.55
CA GLN H 45 -24.84 -0.19 -7.92
C GLN H 45 -24.39 -0.24 -9.41
N LEU H 46 -23.89 -1.40 -9.88
CA LEU H 46 -23.47 -1.59 -11.28
C LEU H 46 -24.66 -1.53 -12.20
N SER H 47 -25.75 -2.21 -11.81
CA SER H 47 -27.01 -2.21 -12.56
C SER H 47 -27.55 -0.78 -12.76
N SER H 48 -27.43 0.07 -11.72
CA SER H 48 -27.88 1.47 -11.76
C SER H 48 -27.03 2.32 -12.68
N SER H 49 -25.69 2.17 -12.59
CA SER H 49 -24.69 2.85 -13.43
C SER H 49 -24.93 2.52 -14.89
N LYS H 50 -25.18 1.22 -15.20
CA LYS H 50 -25.45 0.72 -16.55
C LYS H 50 -26.67 1.44 -17.14
N HIS H 51 -27.81 1.41 -16.43
CA HIS H 51 -29.06 2.05 -16.82
C HIS H 51 -28.84 3.56 -17.08
N GLU H 52 -28.08 4.21 -16.18
CA GLU H 52 -27.76 5.63 -16.29
C GLU H 52 -26.94 5.95 -17.53
N LEU H 53 -25.89 5.15 -17.80
CA LEU H 53 -25.01 5.29 -18.96
C LEU H 53 -25.75 5.08 -20.26
N GLU H 54 -26.75 4.15 -20.27
CA GLU H 54 -27.61 3.86 -21.43
C GLU H 54 -28.42 5.10 -21.81
N ILE H 55 -29.04 5.77 -20.80
CA ILE H 55 -29.82 7.01 -20.96
C ILE H 55 -28.92 8.10 -21.58
N GLN H 56 -27.74 8.31 -20.96
CA GLN H 56 -26.75 9.30 -21.40
C GLN H 56 -26.23 9.03 -22.80
N LEU H 57 -25.98 7.77 -23.14
CA LEU H 57 -25.52 7.39 -24.49
C LEU H 57 -26.60 7.66 -25.54
N ASN H 58 -27.85 7.30 -25.24
CA ASN H 58 -28.96 7.56 -26.15
C ASN H 58 -29.12 9.06 -26.45
N GLU H 59 -28.91 9.91 -25.42
CA GLU H 59 -28.96 11.38 -25.54
C GLU H 59 -27.76 11.89 -26.38
N ALA H 60 -26.57 11.36 -26.17
CA ALA H 60 -25.36 11.71 -26.90
C ALA H 60 -25.47 11.31 -28.35
N LYS H 61 -25.99 10.08 -28.64
CA LYS H 61 -26.21 9.59 -30.02
C LYS H 61 -27.21 10.49 -30.76
N ALA H 62 -28.26 10.96 -30.05
CA ALA H 62 -29.29 11.87 -30.56
C ALA H 62 -28.64 13.21 -30.94
N LYS H 63 -27.77 13.77 -30.07
CA LYS H 63 -27.05 15.03 -30.28
C LYS H 63 -26.13 14.91 -31.49
N VAL H 64 -25.46 13.75 -31.71
CA VAL H 64 -24.62 13.51 -32.89
C VAL H 64 -25.46 13.67 -34.18
N LEU H 65 -26.60 12.98 -34.27
CA LEU H 65 -27.52 13.09 -35.40
C LEU H 65 -27.99 14.52 -35.67
N ALA H 66 -28.33 15.28 -34.62
CA ALA H 66 -28.77 16.69 -34.72
C ALA H 66 -27.64 17.58 -35.24
N LEU H 67 -26.41 17.35 -34.77
CA LEU H 67 -25.23 18.11 -35.19
C LEU H 67 -24.84 17.79 -36.63
N ASP H 68 -24.96 16.52 -37.02
CA ASP H 68 -24.68 16.04 -38.40
C ASP H 68 -25.67 16.73 -39.37
N GLU H 69 -26.95 16.77 -38.97
CA GLU H 69 -28.05 17.39 -39.69
C GLU H 69 -27.78 18.91 -39.88
N LYS H 70 -27.32 19.61 -38.81
CA LYS H 70 -26.98 21.03 -38.85
C LYS H 70 -25.80 21.27 -39.81
N ALA H 71 -24.75 20.43 -39.75
CA ALA H 71 -23.57 20.53 -40.62
C ALA H 71 -23.99 20.46 -42.08
N GLN H 72 -24.86 19.48 -42.41
CA GLN H 72 -25.34 19.26 -43.78
C GLN H 72 -26.13 20.47 -44.30
N SER H 73 -26.97 21.09 -43.44
CA SER H 73 -27.75 22.29 -43.77
C SER H 73 -26.85 23.51 -43.97
N GLN H 74 -25.80 23.64 -43.13
CA GLN H 74 -24.80 24.72 -43.21
C GLN H 74 -24.04 24.61 -44.54
N GLY H 75 -23.69 23.39 -44.93
CA GLY H 75 -22.99 23.08 -46.17
C GLY H 75 -23.78 23.48 -47.40
N ASP H 76 -25.13 23.35 -47.32
CA ASP H 76 -26.07 23.71 -48.38
C ASP H 76 -26.07 25.22 -48.55
N VAL H 77 -26.17 25.97 -47.43
CA VAL H 77 -26.15 27.44 -47.37
C VAL H 77 -24.86 27.96 -48.00
N ILE H 78 -23.69 27.45 -47.56
CA ILE H 78 -22.38 27.83 -48.06
C ILE H 78 -22.33 27.73 -49.58
N GLU H 79 -22.77 26.58 -50.12
CA GLU H 79 -22.78 26.33 -51.55
C GLU H 79 -23.79 27.20 -52.32
N GLN H 80 -24.95 27.50 -51.70
CA GLN H 80 -25.97 28.39 -52.28
C GLN H 80 -25.41 29.83 -52.36
N GLN H 81 -24.68 30.25 -51.30
CA GLN H 81 -24.07 31.57 -51.21
C GLN H 81 -22.93 31.70 -52.20
N ARG H 82 -22.16 30.62 -52.42
CA ARG H 82 -21.07 30.60 -53.39
C ARG H 82 -21.60 30.81 -54.79
N GLY H 83 -22.72 30.15 -55.12
CA GLY H 83 -23.40 30.30 -56.42
C GLY H 83 -23.87 31.73 -56.64
N ARG H 84 -24.50 32.29 -55.61
CA ARG H 84 -24.98 33.67 -55.59
C ARG H 84 -23.82 34.68 -55.73
N LEU H 85 -22.68 34.46 -55.03
CA LEU H 85 -21.46 35.29 -55.13
C LEU H 85 -20.91 35.28 -56.55
N ARG H 86 -20.87 34.10 -57.20
CA ARG H 86 -20.44 33.88 -58.59
C ARG H 86 -21.28 34.72 -59.56
N ASP H 87 -22.62 34.69 -59.38
CA ASP H 87 -23.60 35.42 -60.20
C ASP H 87 -23.43 36.94 -60.03
N MET H 88 -23.10 37.39 -58.81
CA MET H 88 -22.90 38.79 -58.48
C MET H 88 -21.60 39.31 -59.05
N GLU H 89 -20.51 38.50 -58.97
CA GLU H 89 -19.19 38.84 -59.52
C GLU H 89 -19.35 39.03 -61.01
N ALA H 90 -20.11 38.12 -61.67
CA ALA H 90 -20.41 38.13 -63.10
C ALA H 90 -21.17 39.39 -63.47
N ALA H 91 -22.29 39.69 -62.77
CA ALA H 91 -23.13 40.87 -62.99
C ALA H 91 -22.34 42.15 -62.88
N LEU H 92 -21.46 42.24 -61.86
CA LEU H 92 -20.62 43.40 -61.61
C LEU H 92 -19.60 43.63 -62.72
N ARG H 93 -18.91 42.56 -63.11
CA ARG H 93 -17.91 42.51 -64.18
C ARG H 93 -18.52 43.00 -65.49
N GLN H 94 -19.76 42.56 -65.79
CA GLN H 94 -20.52 42.91 -67.00
C GLN H 94 -20.99 44.34 -66.99
N THR H 95 -21.57 44.80 -65.83
CA THR H 95 -22.08 46.18 -65.69
C THR H 95 -20.91 47.18 -65.84
N GLU H 96 -19.77 46.94 -65.12
CA GLU H 96 -18.55 47.76 -65.20
C GLU H 96 -18.04 47.82 -66.65
N GLN H 97 -18.14 46.69 -67.38
CA GLN H 97 -17.71 46.56 -68.77
C GLN H 97 -18.62 47.40 -69.67
N ARG H 98 -19.95 47.43 -69.40
CA ARG H 98 -20.90 48.26 -70.17
C ARG H 98 -20.60 49.74 -69.96
N CYS H 99 -20.22 50.11 -68.72
CA CYS H 99 -19.83 51.47 -68.32
C CYS H 99 -18.63 51.93 -69.13
N ALA H 100 -17.57 51.12 -69.13
CA ALA H 100 -16.31 51.33 -69.85
C ALA H 100 -16.55 51.51 -71.37
N ASP H 101 -17.48 50.72 -71.93
CA ASP H 101 -17.86 50.77 -73.34
C ASP H 101 -18.65 52.06 -73.66
N LEU H 102 -19.49 52.54 -72.70
CA LEU H 102 -20.24 53.78 -72.87
C LEU H 102 -19.28 54.97 -72.83
N ARG H 103 -18.26 54.92 -71.94
CA ARG H 103 -17.19 55.92 -71.84
C ARG H 103 -16.45 56.08 -73.22
N ASP H 104 -16.09 54.93 -73.86
CA ASP H 104 -15.40 54.83 -75.16
C ASP H 104 -16.24 55.34 -76.33
N THR H 105 -17.57 55.15 -76.28
CA THR H 105 -18.52 55.63 -77.30
C THR H 105 -18.54 57.18 -77.29
N LEU H 106 -18.41 57.79 -76.11
CA LEU H 106 -18.35 59.25 -75.92
C LEU H 106 -17.03 59.81 -76.48
N ALA H 107 -15.86 59.19 -76.13
CA ALA H 107 -14.50 59.55 -76.61
C ALA H 107 -14.39 59.41 -78.14
N SER H 108 -15.18 58.47 -78.71
CA SER H 108 -15.28 58.25 -80.16
C SER H 108 -15.99 59.47 -80.80
N ALA H 109 -17.12 59.90 -80.20
CA ALA H 109 -17.87 61.07 -80.63
C ALA H 109 -17.12 62.33 -80.16
#